data_2R1H
#
_entry.id   2R1H
#
_cell.length_a   57.063
_cell.length_b   62.998
_cell.length_c   77.016
_cell.angle_alpha   90.000
_cell.angle_beta   92.200
_cell.angle_gamma   90.000
#
_symmetry.space_group_name_H-M   'P 1 21 1'
#
loop_
_entity.id
_entity.type
_entity.pdbx_description
1 polymer 'Hemoglobin subunit alpha-4'
2 polymer 'Hemoglobin subunit beta-4'
3 non-polymer 'PROTOPORPHYRIN IX CONTAINING FE'
4 non-polymer 1,2-ETHANEDIOL
5 water water
#
loop_
_entity_poly.entity_id
_entity_poly.type
_entity_poly.pdbx_seq_one_letter_code
_entity_poly.pdbx_strand_id
1 'polypeptide(L)'
;(ACE)SLSAKDKANVKAIWGKILPKSDEIGEQALSRMLVVYPQTKAYFSHWASVAPGSAPVKKHGITIMNQIDDCVGHMD
DLFGFLTKLSELHATKLRVDPTNFKILAHNLIVVIAAYFPAEFTPEIHLSVDKFLQQLALALAEKYR
;
A,C
2 'polypeptide(L)'
;VDWTDAERSAIVGLWGKISVDEIGPQALARLLIVSPWTQRHFSTFGNLSTPAAIMGNPAVAKHGKTVMHGLDRAVQNLDD
IKNTYVTLSVMHSEKLFVDPDNFRLLADCITVCVAAKLGPAVFSADTQEAFQKFLAVVVSALGRQYH
;
B,D
#
loop_
_chem_comp.id
_chem_comp.type
_chem_comp.name
_chem_comp.formula
ACE non-polymer 'ACETYL GROUP' 'C2 H4 O'
EDO non-polymer 1,2-ETHANEDIOL 'C2 H6 O2'
HEM non-polymer 'PROTOPORPHYRIN IX CONTAINING FE' 'C34 H32 Fe N4 O4'
#
# COMPACT_ATOMS: atom_id res chain seq x y z
C ACE A 1 4.66 -17.11 -3.09
O ACE A 1 4.44 -17.20 -1.87
CH3 ACE A 1 4.85 -15.75 -3.74
N SER A 2 4.48 -18.17 -3.90
CA SER A 2 4.39 -19.55 -3.40
CA SER A 2 4.35 -19.51 -3.33
C SER A 2 5.56 -19.86 -2.46
N LEU A 3 5.30 -20.66 -1.43
CA LEU A 3 6.33 -21.11 -0.51
C LEU A 3 7.14 -22.28 -1.07
N SER A 4 8.45 -22.21 -0.91
CA SER A 4 9.30 -23.33 -1.27
C SER A 4 9.28 -24.32 -0.12
N ALA A 5 9.78 -25.53 -0.40
CA ALA A 5 10.10 -26.49 0.64
C ALA A 5 10.85 -25.80 1.78
N LYS A 6 11.92 -25.08 1.43
CA LYS A 6 12.77 -24.38 2.41
C LYS A 6 12.05 -23.28 3.20
N ASP A 7 11.11 -22.58 2.56
CA ASP A 7 10.26 -21.62 3.28
C ASP A 7 9.43 -22.34 4.33
N LYS A 8 8.84 -23.46 3.92
CA LYS A 8 7.97 -24.24 4.80
C LYS A 8 8.72 -24.79 6.02
N ALA A 9 9.89 -25.39 5.78
CA ALA A 9 10.77 -25.85 6.87
C ALA A 9 11.18 -24.70 7.81
N ASN A 10 11.36 -23.50 7.24
CA ASN A 10 11.76 -22.36 8.02
C ASN A 10 10.61 -21.94 8.94
N VAL A 11 9.41 -21.84 8.37
CA VAL A 11 8.21 -21.51 9.12
C VAL A 11 7.96 -22.47 10.26
N LYS A 12 7.97 -23.78 9.99
CA LYS A 12 7.69 -24.76 11.04
C LYS A 12 8.69 -24.67 12.19
N ALA A 13 9.99 -24.53 11.85
CA ALA A 13 11.05 -24.40 12.84
C ALA A 13 10.83 -23.22 13.78
N ILE A 14 10.61 -22.02 13.25
CA ILE A 14 10.33 -20.86 14.10
C ILE A 14 9.03 -21.00 14.90
N TRP A 15 7.99 -21.56 14.28
CA TRP A 15 6.76 -21.82 15.03
C TRP A 15 6.96 -22.74 16.22
N GLY A 16 8.02 -23.54 16.18
CA GLY A 16 8.43 -24.38 17.31
C GLY A 16 8.69 -23.50 18.54
N LYS A 17 9.22 -22.30 18.30
CA LYS A 17 9.53 -21.39 19.40
C LYS A 17 8.29 -20.56 19.77
N ILE A 18 7.50 -20.23 18.76
CA ILE A 18 6.33 -19.37 18.95
C ILE A 18 5.21 -20.03 19.73
N LEU A 19 4.93 -21.29 19.40
CA LEU A 19 3.78 -21.98 19.95
C LEU A 19 3.69 -21.92 21.50
N PRO A 20 4.78 -22.25 22.23
CA PRO A 20 4.70 -22.16 23.69
C PRO A 20 4.28 -20.75 24.18
N LYS A 21 4.54 -19.70 23.40
CA LYS A 21 4.15 -18.32 23.78
C LYS A 21 2.99 -17.75 22.92
N SER A 22 2.24 -18.65 22.27
CA SER A 22 1.26 -18.23 21.26
C SER A 22 0.27 -17.15 21.76
N ASP A 23 -0.32 -17.34 22.94
CA ASP A 23 -1.30 -16.34 23.46
C ASP A 23 -0.68 -14.95 23.69
N GLU A 24 0.54 -14.93 24.21
CA GLU A 24 1.20 -13.69 24.56
C GLU A 24 1.58 -12.97 23.28
N ILE A 25 2.08 -13.75 22.32
CA ILE A 25 2.49 -13.23 21.03
C ILE A 25 1.27 -12.62 20.31
N GLY A 26 0.14 -13.29 20.43
CA GLY A 26 -1.10 -12.80 19.80
C GLY A 26 -1.55 -11.49 20.40
N GLU A 27 -1.50 -11.43 21.71
CA GLU A 27 -1.83 -10.22 22.40
C GLU A 27 -0.90 -9.06 22.00
N GLN A 28 0.39 -9.34 21.94
CA GLN A 28 1.38 -8.33 21.59
C GLN A 28 1.15 -7.83 20.17
N ALA A 29 0.89 -8.75 19.24
CA ALA A 29 0.71 -8.40 17.84
C ALA A 29 -0.51 -7.52 17.63
N LEU A 30 -1.64 -7.94 18.19
CA LEU A 30 -2.87 -7.20 18.07
C LEU A 30 -2.79 -5.83 18.77
N SER A 31 -2.22 -5.80 19.99
CA SER A 31 -2.03 -4.53 20.70
C SER A 31 -1.27 -3.50 19.88
N ARG A 32 -0.17 -3.97 19.25
CA ARG A 32 0.64 -3.12 18.40
C ARG A 32 -0.05 -2.67 17.12
N MET A 33 -0.81 -3.54 16.48
CA MET A 33 -1.55 -3.14 15.31
C MET A 33 -2.51 -2.03 15.67
N LEU A 34 -3.23 -2.19 16.78
CA LEU A 34 -4.21 -1.20 17.19
C LEU A 34 -3.61 0.20 17.55
N VAL A 35 -2.51 0.20 18.32
CA VAL A 35 -1.91 1.44 18.83
C VAL A 35 -1.05 2.12 17.77
N VAL A 36 -0.28 1.31 17.05
CA VAL A 36 0.71 1.83 16.12
C VAL A 36 0.03 2.22 14.80
N TYR A 37 -1.02 1.48 14.45
CA TYR A 37 -1.73 1.67 13.16
C TYR A 37 -3.20 1.87 13.52
N PRO A 38 -3.52 3.00 14.14
CA PRO A 38 -4.85 3.21 14.70
C PRO A 38 -5.99 3.19 13.66
N GLN A 39 -5.66 3.24 12.38
CA GLN A 39 -6.66 3.07 11.32
C GLN A 39 -7.43 1.76 11.52
N THR A 40 -6.77 0.78 12.12
CA THR A 40 -7.37 -0.54 12.32
C THR A 40 -8.41 -0.59 13.46
N LYS A 41 -8.39 0.37 14.37
CA LYS A 41 -9.38 0.46 15.49
C LYS A 41 -10.83 0.57 14.99
N ALA A 42 -10.99 0.97 13.72
CA ALA A 42 -12.31 1.11 13.09
C ALA A 42 -13.15 -0.14 13.17
N TYR A 43 -12.53 -1.30 13.24
CA TYR A 43 -13.27 -2.55 13.25
C TYR A 43 -13.59 -3.06 14.64
N PHE A 44 -13.10 -2.36 15.66
CA PHE A 44 -13.08 -2.94 17.00
C PHE A 44 -13.74 -2.05 18.06
N SER A 45 -14.50 -1.05 17.61
CA SER A 45 -15.08 -0.08 18.55
C SER A 45 -16.18 -0.69 19.42
N HIS A 46 -16.69 -1.85 19.01
CA HIS A 46 -17.68 -2.55 19.83
C HIS A 46 -17.00 -3.21 21.03
N TRP A 47 -15.67 -3.28 21.06
CA TRP A 47 -14.98 -3.82 22.24
C TRP A 47 -15.03 -2.88 23.47
N ALA A 48 -14.92 -3.49 24.64
CA ALA A 48 -14.82 -2.73 25.89
C ALA A 48 -13.56 -1.84 25.94
N SER A 49 -12.49 -2.30 25.30
CA SER A 49 -11.20 -1.60 25.28
C SER A 49 -10.41 -2.01 24.03
N VAL A 50 -9.61 -1.06 23.52
CA VAL A 50 -8.57 -1.37 22.54
C VAL A 50 -7.15 -1.06 23.09
N ALA A 51 -7.02 -0.99 24.41
CA ALA A 51 -5.70 -0.73 25.01
C ALA A 51 -4.83 -1.99 25.02
N PRO A 52 -3.50 -1.82 24.88
CA PRO A 52 -2.62 -3.02 24.86
C PRO A 52 -2.79 -3.86 26.11
N GLY A 53 -2.90 -5.17 25.92
CA GLY A 53 -3.06 -6.08 27.04
C GLY A 53 -4.40 -6.06 27.74
N SER A 54 -5.37 -5.27 27.24
CA SER A 54 -6.71 -5.33 27.79
C SER A 54 -7.34 -6.71 27.52
N ALA A 55 -8.40 -7.01 28.25
CA ALA A 55 -9.07 -8.30 28.17
C ALA A 55 -9.60 -8.62 26.77
N PRO A 56 -10.28 -7.66 26.12
CA PRO A 56 -10.71 -7.93 24.71
C PRO A 56 -9.54 -8.13 23.76
N VAL A 57 -8.46 -7.35 23.92
CA VAL A 57 -7.30 -7.50 23.05
C VAL A 57 -6.62 -8.85 23.33
N LYS A 58 -6.50 -9.22 24.60
CA LYS A 58 -5.96 -10.56 24.92
C LYS A 58 -6.79 -11.70 24.29
N LYS A 59 -8.11 -11.62 24.42
CA LYS A 59 -9.06 -12.65 23.97
C LYS A 59 -8.94 -12.82 22.46
N HIS A 60 -8.96 -11.70 21.74
CA HIS A 60 -8.86 -11.76 20.29
C HIS A 60 -7.47 -12.08 19.77
N GLY A 61 -6.43 -11.59 20.44
CA GLY A 61 -5.07 -11.99 20.11
C GLY A 61 -4.94 -13.52 20.04
N ILE A 62 -5.53 -14.23 21.01
CA ILE A 62 -5.50 -15.69 21.05
C ILE A 62 -6.22 -16.26 19.84
N THR A 63 -7.39 -15.70 19.57
CA THR A 63 -8.20 -16.13 18.44
C THR A 63 -7.40 -16.07 17.13
N ILE A 64 -6.74 -14.93 16.90
CA ILE A 64 -5.92 -14.73 15.72
C ILE A 64 -4.79 -15.76 15.68
N MET A 65 -4.00 -15.80 16.75
CA MET A 65 -2.83 -16.70 16.76
C MET A 65 -3.20 -18.16 16.64
N ASN A 66 -4.27 -18.58 17.32
CA ASN A 66 -4.77 -19.96 17.14
C ASN A 66 -4.95 -20.29 15.64
N GLN A 67 -5.60 -19.38 14.89
CA GLN A 67 -5.78 -19.59 13.47
C GLN A 67 -4.44 -19.65 12.72
N ILE A 68 -3.53 -18.73 13.01
CA ILE A 68 -2.26 -18.69 12.29
C ILE A 68 -1.44 -19.95 12.63
N ASP A 69 -1.49 -20.37 13.89
CA ASP A 69 -0.80 -21.58 14.32
C ASP A 69 -1.27 -22.76 13.47
N ASP A 70 -2.59 -22.81 13.24
CA ASP A 70 -3.21 -23.87 12.45
C ASP A 70 -2.81 -23.80 10.96
N CYS A 71 -2.60 -22.58 10.46
CA CYS A 71 -2.17 -22.41 9.08
C CYS A 71 -0.81 -23.05 8.85
N VAL A 72 0.05 -23.01 9.87
CA VAL A 72 1.41 -23.55 9.75
C VAL A 72 1.36 -25.02 9.32
N GLY A 73 0.31 -25.73 9.74
CA GLY A 73 0.12 -27.13 9.36
C GLY A 73 -0.60 -27.30 8.03
N HIS A 74 -0.75 -26.20 7.29
CA HIS A 74 -1.59 -26.17 6.09
C HIS A 74 -0.98 -25.39 4.94
N MET A 75 0.33 -25.41 4.87
CA MET A 75 1.07 -24.54 3.98
C MET A 75 1.11 -25.09 2.57
N ASP A 76 0.70 -26.35 2.43
CA ASP A 76 0.50 -26.92 1.12
C ASP A 76 -0.77 -26.39 0.42
N ASP A 77 -1.71 -25.85 1.21
CA ASP A 77 -2.92 -25.21 0.65
C ASP A 77 -3.61 -24.19 1.58
N LEU A 78 -2.98 -23.03 1.76
CA LEU A 78 -3.59 -22.01 2.65
C LEU A 78 -4.90 -21.44 2.12
N PHE A 79 -5.01 -21.28 0.81
CA PHE A 79 -6.24 -20.72 0.21
C PHE A 79 -7.47 -21.60 0.48
N GLY A 80 -7.36 -22.91 0.21
CA GLY A 80 -8.42 -23.85 0.58
C GLY A 80 -8.72 -23.80 2.06
N PHE A 81 -7.66 -23.90 2.88
CA PHE A 81 -7.80 -23.89 4.35
C PHE A 81 -8.55 -22.64 4.86
N LEU A 82 -8.30 -21.48 4.24
CA LEU A 82 -8.85 -20.21 4.73
C LEU A 82 -10.15 -19.71 4.09
N THR A 83 -10.70 -20.45 3.12
CA THR A 83 -11.90 -20.02 2.40
C THR A 83 -13.03 -19.51 3.30
N LYS A 84 -13.37 -20.28 4.34
CA LYS A 84 -14.51 -19.96 5.20
C LYS A 84 -14.20 -18.70 5.98
N LEU A 85 -12.98 -18.61 6.46
CA LEU A 85 -12.52 -17.42 7.16
C LEU A 85 -12.43 -16.19 6.24
N SER A 86 -12.04 -16.39 4.97
CA SER A 86 -12.04 -15.30 3.99
C SER A 86 -13.45 -14.76 3.80
N GLU A 87 -14.39 -15.68 3.58
CA GLU A 87 -15.81 -15.35 3.48
C GLU A 87 -16.35 -14.54 4.65
N LEU A 88 -15.99 -14.96 5.85
CA LEU A 88 -16.42 -14.29 7.08
C LEU A 88 -15.91 -12.84 7.19
N HIS A 89 -14.63 -12.64 6.91
CA HIS A 89 -14.09 -11.30 6.92
C HIS A 89 -14.69 -10.43 5.84
N ALA A 90 -15.01 -11.04 4.69
CA ALA A 90 -15.50 -10.24 3.56
C ALA A 90 -16.95 -9.83 3.73
N THR A 91 -17.78 -10.80 4.08
CA THR A 91 -19.21 -10.66 4.03
C THR A 91 -19.79 -10.19 5.37
N LYS A 92 -19.36 -10.82 6.45
CA LYS A 92 -19.91 -10.53 7.76
C LYS A 92 -19.20 -9.38 8.45
N LEU A 93 -17.87 -9.38 8.36
CA LEU A 93 -17.10 -8.37 9.09
C LEU A 93 -16.79 -7.16 8.22
N ARG A 94 -16.71 -7.37 6.90
CA ARG A 94 -16.46 -6.30 5.95
C ARG A 94 -15.20 -5.49 6.28
N VAL A 95 -14.10 -6.23 6.48
CA VAL A 95 -12.79 -5.67 6.72
C VAL A 95 -12.12 -5.38 5.37
N ASP A 96 -11.71 -4.13 5.16
CA ASP A 96 -10.90 -3.76 4.00
C ASP A 96 -9.65 -4.67 4.03
N PRO A 97 -9.46 -5.52 2.99
CA PRO A 97 -8.34 -6.49 3.06
C PRO A 97 -6.92 -5.89 3.13
N THR A 98 -6.77 -4.61 2.84
CA THR A 98 -5.45 -3.96 2.98
C THR A 98 -4.91 -4.06 4.43
N ASN A 99 -5.80 -4.27 5.42
CA ASN A 99 -5.39 -4.39 6.81
C ASN A 99 -4.67 -5.70 7.16
N PHE A 100 -4.86 -6.73 6.35
CA PHE A 100 -4.24 -8.01 6.66
C PHE A 100 -2.70 -7.89 6.71
N LYS A 101 -2.12 -7.14 5.79
CA LYS A 101 -0.66 -6.96 5.80
CA LYS A 101 -0.67 -6.93 5.79
C LYS A 101 -0.19 -6.16 7.02
N ILE A 102 -1.06 -5.28 7.52
CA ILE A 102 -0.73 -4.52 8.72
C ILE A 102 -0.57 -5.50 9.88
N LEU A 103 -1.52 -6.43 10.02
CA LEU A 103 -1.40 -7.44 11.08
C LEU A 103 -0.12 -8.24 10.89
N ALA A 104 0.17 -8.61 9.65
CA ALA A 104 1.34 -9.43 9.33
C ALA A 104 2.62 -8.73 9.78
N HIS A 105 2.70 -7.41 9.51
CA HIS A 105 3.86 -6.62 9.87
C HIS A 105 4.09 -6.63 11.37
N ASN A 106 3.04 -6.32 12.14
CA ASN A 106 3.13 -6.37 13.59
C ASN A 106 3.48 -7.71 14.23
N LEU A 107 3.03 -8.82 13.63
CA LEU A 107 3.41 -10.15 14.11
C LEU A 107 4.89 -10.37 13.88
N ILE A 108 5.37 -9.95 12.72
CA ILE A 108 6.80 -10.08 12.40
C ILE A 108 7.61 -9.27 13.42
N VAL A 109 7.15 -8.05 13.74
CA VAL A 109 7.83 -7.28 14.77
C VAL A 109 7.88 -8.05 16.11
N VAL A 110 6.74 -8.62 16.50
CA VAL A 110 6.59 -9.30 17.78
C VAL A 110 7.46 -10.57 17.81
N ILE A 111 7.45 -11.34 16.73
CA ILE A 111 8.35 -12.52 16.65
C ILE A 111 9.82 -12.14 16.82
N ALA A 112 10.26 -11.09 16.13
CA ALA A 112 11.65 -10.64 16.22
C ALA A 112 11.99 -10.30 17.66
N ALA A 113 11.07 -9.59 18.31
CA ALA A 113 11.24 -9.13 19.71
C ALA A 113 11.32 -10.31 20.66
N TYR A 114 10.50 -11.33 20.44
CA TYR A 114 10.49 -12.51 21.32
C TYR A 114 11.64 -13.49 21.03
N PHE A 115 12.04 -13.59 19.76
CA PHE A 115 13.06 -14.58 19.38
C PHE A 115 14.14 -13.99 18.50
N PRO A 116 14.90 -13.00 19.04
CA PRO A 116 15.84 -12.22 18.21
C PRO A 116 16.92 -13.09 17.57
N ALA A 117 17.48 -14.03 18.33
CA ALA A 117 18.52 -14.92 17.79
C ALA A 117 18.01 -15.80 16.65
N GLU A 118 16.78 -16.31 16.77
CA GLU A 118 16.24 -17.31 15.82
C GLU A 118 15.69 -16.63 14.56
N PHE A 119 15.24 -15.39 14.73
CA PHE A 119 14.64 -14.63 13.65
C PHE A 119 15.66 -13.94 12.72
N THR A 120 16.48 -14.75 12.05
CA THR A 120 17.41 -14.28 11.05
C THR A 120 16.68 -13.76 9.81
N PRO A 121 17.38 -13.00 8.96
CA PRO A 121 16.79 -12.56 7.71
C PRO A 121 16.17 -13.67 6.87
N GLU A 122 16.84 -14.83 6.78
CA GLU A 122 16.26 -15.96 6.03
C GLU A 122 14.97 -16.46 6.66
N ILE A 123 14.94 -16.54 7.98
CA ILE A 123 13.73 -16.95 8.66
C ILE A 123 12.64 -15.89 8.43
N HIS A 124 13.03 -14.63 8.56
CA HIS A 124 12.13 -13.47 8.39
C HIS A 124 11.53 -13.51 6.98
N LEU A 125 12.37 -13.76 5.98
CA LEU A 125 11.87 -13.83 4.60
C LEU A 125 10.78 -14.89 4.49
N SER A 126 11.09 -16.10 4.96
CA SER A 126 10.12 -17.17 4.89
C SER A 126 8.81 -16.86 5.61
N VAL A 127 8.89 -16.34 6.83
CA VAL A 127 7.69 -15.98 7.58
C VAL A 127 6.88 -14.88 6.88
N ASP A 128 7.58 -13.91 6.30
CA ASP A 128 6.87 -12.84 5.59
C ASP A 128 6.16 -13.45 4.38
N LYS A 129 6.83 -14.38 3.69
CA LYS A 129 6.19 -15.04 2.54
C LYS A 129 4.93 -15.76 3.01
N PHE A 130 5.06 -16.51 4.10
CA PHE A 130 3.95 -17.23 4.71
C PHE A 130 2.81 -16.24 5.00
N LEU A 131 3.11 -15.18 5.73
CA LEU A 131 2.04 -14.28 6.18
C LEU A 131 1.41 -13.52 5.01
N GLN A 132 2.19 -13.23 3.98
CA GLN A 132 1.62 -12.56 2.80
C GLN A 132 0.65 -13.50 2.08
N GLN A 133 1.00 -14.79 2.01
CA GLN A 133 0.12 -15.78 1.41
CA GLN A 133 0.11 -15.80 1.43
C GLN A 133 -1.16 -15.92 2.26
N LEU A 134 -0.99 -16.01 3.56
CA LEU A 134 -2.11 -16.07 4.47
C LEU A 134 -3.03 -14.84 4.28
N ALA A 135 -2.45 -13.64 4.15
CA ALA A 135 -3.23 -12.41 3.83
C ALA A 135 -3.98 -12.56 2.50
N LEU A 136 -3.28 -13.04 1.47
CA LEU A 136 -3.90 -13.26 0.18
C LEU A 136 -5.05 -14.25 0.26
N ALA A 137 -4.90 -15.26 1.13
CA ALA A 137 -5.93 -16.29 1.25
C ALA A 137 -7.17 -15.78 1.98
N LEU A 138 -6.96 -14.90 2.96
CA LEU A 138 -8.05 -14.20 3.65
C LEU A 138 -8.75 -13.21 2.72
N ALA A 139 -8.03 -12.77 1.68
CA ALA A 139 -8.52 -11.83 0.68
C ALA A 139 -9.22 -12.51 -0.52
N GLU A 140 -9.00 -13.81 -0.65
CA GLU A 140 -9.45 -14.59 -1.81
C GLU A 140 -10.95 -14.51 -2.10
N LYS A 141 -11.78 -14.53 -1.06
CA LYS A 141 -13.26 -14.60 -1.24
C LYS A 141 -13.94 -13.22 -1.22
N TYR A 142 -13.14 -12.19 -1.39
CA TYR A 142 -13.68 -10.83 -1.50
C TYR A 142 -14.14 -10.50 -2.92
N ARG A 143 -15.21 -9.72 -3.02
CA ARG A 143 -15.67 -9.10 -4.27
C ARG A 143 -15.98 -10.12 -5.36
N VAL B 1 2.30 16.13 11.35
CA VAL B 1 3.33 15.88 12.39
C VAL B 1 3.24 16.91 13.52
N ASP B 2 2.45 16.57 14.53
CA ASP B 2 2.53 17.24 15.79
C ASP B 2 2.92 16.21 16.83
N TRP B 3 4.16 16.30 17.29
CA TRP B 3 4.68 15.37 18.26
C TRP B 3 4.07 15.64 19.61
N THR B 4 3.61 14.59 20.28
CA THR B 4 3.26 14.71 21.68
C THR B 4 4.58 14.70 22.44
N ASP B 5 4.59 15.23 23.66
CA ASP B 5 5.74 15.12 24.54
C ASP B 5 6.20 13.68 24.72
N ALA B 6 5.25 12.75 24.89
CA ALA B 6 5.56 11.33 25.04
C ALA B 6 6.27 10.75 23.80
N GLU B 7 5.80 11.08 22.61
CA GLU B 7 6.44 10.56 21.41
C GLU B 7 7.90 11.08 21.30
N ARG B 8 8.08 12.36 21.56
CA ARG B 8 9.40 12.96 21.42
C ARG B 8 10.37 12.26 22.35
N SER B 9 9.95 12.11 23.61
CA SER B 9 10.78 11.49 24.63
CA SER B 9 10.80 11.48 24.62
C SER B 9 11.06 10.02 24.26
N ALA B 10 10.04 9.33 23.73
CA ALA B 10 10.19 7.93 23.31
C ALA B 10 11.22 7.78 22.20
N ILE B 11 11.20 8.70 21.23
CA ILE B 11 12.10 8.60 20.08
C ILE B 11 13.55 8.90 20.47
N VAL B 12 13.76 9.95 21.26
CA VAL B 12 15.10 10.33 21.74
C VAL B 12 15.70 9.24 22.65
N GLY B 13 14.87 8.70 23.54
CA GLY B 13 15.30 7.63 24.45
C GLY B 13 15.64 6.36 23.70
N LEU B 14 14.79 5.98 22.75
CA LEU B 14 15.05 4.83 21.89
C LEU B 14 16.37 4.97 21.15
N TRP B 15 16.54 6.09 20.45
CA TRP B 15 17.72 6.33 19.65
C TRP B 15 18.99 6.28 20.49
N GLY B 16 18.88 6.74 21.73
CA GLY B 16 20.02 6.76 22.62
C GLY B 16 20.45 5.38 23.10
N LYS B 17 19.57 4.39 22.98
CA LYS B 17 19.82 3.07 23.57
C LYS B 17 20.13 1.99 22.57
N ILE B 18 20.14 2.34 21.29
CA ILE B 18 20.58 1.43 20.25
C ILE B 18 21.95 1.85 19.71
N SER B 19 22.69 0.87 19.22
CA SER B 19 23.97 1.14 18.58
C SER B 19 23.69 1.13 17.09
N VAL B 20 23.74 2.31 16.47
CA VAL B 20 23.48 2.45 15.04
C VAL B 20 24.49 1.66 14.21
N ASP B 21 25.68 1.44 14.75
CA ASP B 21 26.69 0.63 14.08
C ASP B 21 26.38 -0.85 14.15
N GLU B 22 25.50 -1.24 15.07
CA GLU B 22 25.00 -2.60 15.13
C GLU B 22 23.71 -2.69 14.28
N ILE B 23 22.75 -1.80 14.53
CA ILE B 23 21.45 -1.80 13.84
C ILE B 23 21.51 -1.55 12.32
N GLY B 24 22.27 -0.54 11.91
CA GLY B 24 22.33 -0.17 10.48
C GLY B 24 22.72 -1.34 9.61
N PRO B 25 23.91 -1.91 9.85
CA PRO B 25 24.32 -3.15 9.19
C PRO B 25 23.23 -4.24 9.19
N GLN B 26 22.62 -4.51 10.34
CA GLN B 26 21.58 -5.55 10.46
C GLN B 26 20.33 -5.25 9.59
N ALA B 27 19.82 -4.03 9.65
CA ALA B 27 18.65 -3.65 8.89
C ALA B 27 18.88 -3.63 7.37
N LEU B 28 20.07 -3.21 6.93
CA LEU B 28 20.36 -3.19 5.47
C LEU B 28 20.54 -4.60 4.93
N ALA B 29 21.28 -5.44 5.64
CA ALA B 29 21.38 -6.84 5.26
C ALA B 29 20.01 -7.50 5.16
N ARG B 30 19.18 -7.28 6.19
CA ARG B 30 17.81 -7.78 6.24
C ARG B 30 16.98 -7.33 5.02
N LEU B 31 17.01 -6.03 4.70
CA LEU B 31 16.33 -5.48 3.50
C LEU B 31 16.75 -6.23 2.24
N LEU B 32 18.06 -6.35 2.05
CA LEU B 32 18.57 -6.90 0.79
C LEU B 32 18.13 -8.35 0.63
N ILE B 33 17.81 -9.01 1.75
CA ILE B 33 17.43 -10.43 1.73
C ILE B 33 15.90 -10.56 1.64
N VAL B 34 15.20 -9.78 2.43
CA VAL B 34 13.73 -9.84 2.51
C VAL B 34 13.04 -9.11 1.33
N SER B 35 13.68 -8.05 0.85
CA SER B 35 13.23 -7.29 -0.33
C SER B 35 14.32 -7.33 -1.40
N PRO B 36 14.54 -8.52 -2.01
CA PRO B 36 15.74 -8.73 -2.85
C PRO B 36 15.93 -7.78 -4.02
N TRP B 37 14.87 -7.12 -4.50
CA TRP B 37 15.01 -6.17 -5.60
C TRP B 37 15.93 -5.01 -5.21
N THR B 38 16.09 -4.77 -3.90
CA THR B 38 16.95 -3.68 -3.46
C THR B 38 18.42 -3.88 -3.82
N GLN B 39 18.80 -5.14 -4.05
CA GLN B 39 20.14 -5.44 -4.52
C GLN B 39 20.52 -4.74 -5.82
N ARG B 40 19.53 -4.28 -6.55
CA ARG B 40 19.72 -3.44 -7.75
C ARG B 40 20.75 -2.33 -7.51
N HIS B 41 20.82 -1.84 -6.27
CA HIS B 41 21.65 -0.68 -5.94
C HIS B 41 23.01 -1.04 -5.36
N PHE B 42 23.23 -2.32 -5.06
CA PHE B 42 24.42 -2.71 -4.29
C PHE B 42 25.27 -3.81 -4.90
N SER B 43 25.02 -4.14 -6.17
CA SER B 43 25.71 -5.23 -6.82
C SER B 43 27.24 -5.02 -6.88
N THR B 44 27.69 -3.79 -6.66
CA THR B 44 29.13 -3.44 -6.65
C THR B 44 29.79 -3.57 -5.27
N PHE B 45 29.00 -3.90 -4.27
CA PHE B 45 29.49 -3.99 -2.89
C PHE B 45 30.11 -5.34 -2.53
N GLY B 46 30.57 -6.09 -3.55
CA GLY B 46 31.18 -7.42 -3.36
C GLY B 46 30.20 -8.57 -3.49
N ASN B 47 30.43 -9.64 -2.71
CA ASN B 47 29.59 -10.84 -2.74
CA ASN B 47 29.58 -10.83 -2.77
C ASN B 47 28.23 -10.70 -2.05
N LEU B 48 27.16 -10.79 -2.83
CA LEU B 48 25.79 -10.77 -2.33
C LEU B 48 25.08 -12.01 -2.86
N SER B 49 25.86 -13.01 -3.23
CA SER B 49 25.34 -14.22 -3.87
C SER B 49 24.43 -15.05 -2.97
N THR B 50 24.63 -14.96 -1.66
CA THR B 50 23.78 -15.64 -0.68
C THR B 50 23.41 -14.73 0.51
N PRO B 51 22.31 -15.06 1.22
CA PRO B 51 22.02 -14.56 2.57
C PRO B 51 23.27 -14.41 3.47
N ALA B 52 24.08 -15.47 3.58
CA ALA B 52 25.27 -15.44 4.43
C ALA B 52 26.28 -14.36 3.99
N ALA B 53 26.58 -14.31 2.69
CA ALA B 53 27.54 -13.35 2.15
C ALA B 53 27.11 -11.91 2.46
N ILE B 54 25.83 -11.62 2.19
CA ILE B 54 25.21 -10.31 2.47
C ILE B 54 25.41 -9.95 3.94
N MET B 55 25.05 -10.87 4.82
CA MET B 55 25.20 -10.63 6.26
C MET B 55 26.66 -10.53 6.74
N GLY B 56 27.58 -11.20 6.05
CA GLY B 56 28.99 -11.04 6.34
C GLY B 56 29.65 -9.96 5.52
N ASN B 57 28.87 -9.29 4.66
CA ASN B 57 29.41 -8.28 3.74
C ASN B 57 29.76 -6.95 4.41
N PRO B 58 31.07 -6.65 4.46
CA PRO B 58 31.68 -5.47 5.07
C PRO B 58 31.21 -4.16 4.45
N ALA B 59 31.04 -4.13 3.12
CA ALA B 59 30.55 -2.95 2.40
C ALA B 59 29.12 -2.60 2.73
N VAL B 60 28.27 -3.63 2.81
CA VAL B 60 26.84 -3.47 3.12
C VAL B 60 26.73 -3.02 4.57
N ALA B 61 27.56 -3.62 5.41
CA ALA B 61 27.70 -3.21 6.80
C ALA B 61 28.03 -1.71 6.90
N LYS B 62 29.07 -1.26 6.18
CA LYS B 62 29.45 0.18 6.21
C LYS B 62 28.31 1.06 5.73
N HIS B 63 27.55 0.58 4.75
CA HIS B 63 26.47 1.36 4.18
C HIS B 63 25.23 1.44 5.10
N GLY B 64 24.99 0.37 5.84
CA GLY B 64 23.96 0.40 6.88
C GLY B 64 24.28 1.43 7.94
N LYS B 65 25.57 1.59 8.25
CA LYS B 65 26.01 2.55 9.26
C LYS B 65 25.66 3.99 8.81
N THR B 66 25.91 4.29 7.52
CA THR B 66 25.65 5.63 6.99
C THR B 66 24.15 5.93 6.92
N VAL B 67 23.33 4.94 6.59
CA VAL B 67 21.87 5.12 6.70
C VAL B 67 21.47 5.58 8.10
N MET B 68 22.00 4.90 9.11
CA MET B 68 21.63 5.18 10.48
C MET B 68 22.09 6.56 10.94
N HIS B 69 23.28 6.94 10.52
CA HIS B 69 23.76 8.27 10.83
C HIS B 69 23.02 9.32 10.04
N GLY B 70 22.47 8.91 8.89
CA GLY B 70 21.55 9.73 8.14
C GLY B 70 20.31 10.03 8.98
N LEU B 71 19.86 9.07 9.79
CA LEU B 71 18.68 9.24 10.64
C LEU B 71 18.98 10.06 11.90
N ASP B 72 20.25 10.11 12.32
CA ASP B 72 20.66 10.87 13.50
CA ASP B 72 20.54 10.85 13.53
C ASP B 72 20.18 12.32 13.37
N ARG B 73 20.35 12.86 12.15
CA ARG B 73 20.00 14.24 11.82
C ARG B 73 18.50 14.49 12.01
N ALA B 74 17.69 13.47 11.73
CA ALA B 74 16.23 13.57 11.94
C ALA B 74 15.90 13.60 13.43
N VAL B 75 16.54 12.75 14.21
CA VAL B 75 16.34 12.69 15.66
C VAL B 75 16.76 14.01 16.33
N GLN B 76 17.87 14.59 15.87
CA GLN B 76 18.37 15.88 16.38
C GLN B 76 17.35 16.98 16.21
N ASN B 77 16.48 16.85 15.20
CA ASN B 77 15.48 17.86 14.96
C ASN B 77 14.22 17.34 14.35
N LEU B 78 13.33 16.93 15.25
CA LEU B 78 12.09 16.27 14.89
C LEU B 78 11.12 17.21 14.18
N ASP B 79 11.36 18.50 14.31
CA ASP B 79 10.46 19.51 13.79
C ASP B 79 10.85 20.03 12.41
N ASP B 80 11.93 19.51 11.85
CA ASP B 80 12.36 20.01 10.55
C ASP B 80 12.88 18.92 9.65
N ILE B 81 12.30 17.74 9.79
CA ILE B 81 12.75 16.58 9.04
C ILE B 81 12.63 16.80 7.53
N LYS B 82 11.57 17.46 7.08
CA LYS B 82 11.41 17.62 5.63
C LYS B 82 12.60 18.32 4.97
N ASN B 83 13.09 19.40 5.60
CA ASN B 83 14.22 20.17 5.06
C ASN B 83 15.55 19.47 5.29
N THR B 84 15.61 18.63 6.32
CA THR B 84 16.82 17.89 6.64
C THR B 84 17.19 16.98 5.47
N TYR B 85 16.16 16.44 4.81
CA TYR B 85 16.34 15.42 3.78
C TYR B 85 16.16 15.90 2.35
N VAL B 86 16.02 17.22 2.14
CA VAL B 86 15.75 17.75 0.81
C VAL B 86 16.84 17.28 -0.19
N THR B 87 18.09 17.62 0.10
CA THR B 87 19.24 17.23 -0.71
C THR B 87 19.35 15.71 -0.90
N LEU B 88 19.18 14.96 0.19
CA LEU B 88 19.26 13.48 0.13
C LEU B 88 18.18 12.89 -0.75
N SER B 89 17.01 13.53 -0.78
CA SER B 89 15.89 13.05 -1.58
C SER B 89 16.23 13.21 -3.05
N VAL B 90 16.72 14.41 -3.39
CA VAL B 90 17.14 14.70 -4.75
C VAL B 90 18.18 13.71 -5.24
N MET B 91 19.17 13.45 -4.39
CA MET B 91 20.24 12.52 -4.72
C MET B 91 19.70 11.12 -5.03
N HIS B 92 18.89 10.60 -4.11
CA HIS B 92 18.35 9.27 -4.31
C HIS B 92 17.47 9.15 -5.54
N SER B 93 16.72 10.21 -5.85
CA SER B 93 15.94 10.20 -7.09
C SER B 93 16.79 10.36 -8.34
N GLU B 94 17.60 11.41 -8.40
CA GLU B 94 18.18 11.85 -9.67
C GLU B 94 19.55 11.26 -9.96
N LYS B 95 20.29 10.92 -8.90
CA LYS B 95 21.61 10.33 -9.09
C LYS B 95 21.54 8.81 -9.05
N LEU B 96 20.80 8.31 -8.07
CA LEU B 96 20.80 6.91 -7.66
C LEU B 96 19.62 6.09 -8.20
N PHE B 97 18.49 6.73 -8.51
CA PHE B 97 17.33 6.04 -9.11
C PHE B 97 16.75 4.96 -8.23
N VAL B 98 16.64 5.30 -6.95
CA VAL B 98 16.10 4.40 -5.95
C VAL B 98 14.61 4.61 -5.91
N ASP B 99 13.87 3.52 -6.13
CA ASP B 99 12.42 3.50 -5.95
C ASP B 99 12.16 3.85 -4.49
N PRO B 100 11.42 4.96 -4.25
CA PRO B 100 11.23 5.38 -2.85
C PRO B 100 10.35 4.44 -2.04
N ASP B 101 9.62 3.54 -2.67
CA ASP B 101 8.96 2.53 -1.87
C ASP B 101 9.99 1.72 -1.06
N ASN B 102 11.23 1.64 -1.52
CA ASN B 102 12.26 0.92 -0.74
C ASN B 102 12.65 1.65 0.57
N PHE B 103 12.35 2.95 0.68
CA PHE B 103 12.56 3.65 1.96
C PHE B 103 11.61 3.10 3.01
N ARG B 104 10.36 2.88 2.62
CA ARG B 104 9.38 2.21 3.51
C ARG B 104 9.87 0.85 3.94
N LEU B 105 10.27 0.02 2.98
CA LEU B 105 10.78 -1.31 3.28
C LEU B 105 11.99 -1.27 4.20
N LEU B 106 12.89 -0.31 4.01
CA LEU B 106 14.06 -0.21 4.89
C LEU B 106 13.63 0.18 6.31
N ALA B 107 12.77 1.18 6.41
CA ALA B 107 12.21 1.56 7.69
C ALA B 107 11.64 0.35 8.40
N ASP B 108 10.86 -0.49 7.70
CA ASP B 108 10.26 -1.67 8.35
C ASP B 108 11.35 -2.65 8.87
N CYS B 109 12.43 -2.80 8.12
CA CYS B 109 13.54 -3.64 8.59
C CYS B 109 14.24 -3.04 9.79
N ILE B 110 14.34 -1.70 9.82
CA ILE B 110 14.91 -1.01 10.99
C ILE B 110 14.04 -1.32 12.23
N THR B 111 12.72 -1.16 12.09
CA THR B 111 11.80 -1.57 13.15
C THR B 111 12.05 -2.97 13.67
N VAL B 112 12.13 -3.93 12.76
CA VAL B 112 12.33 -5.32 13.12
C VAL B 112 13.66 -5.50 13.86
N CYS B 113 14.74 -4.86 13.40
CA CYS B 113 16.01 -5.04 14.11
C CYS B 113 16.02 -4.35 15.49
N VAL B 114 15.36 -3.21 15.61
CA VAL B 114 15.27 -2.50 16.90
C VAL B 114 14.47 -3.36 17.88
N ALA B 115 13.35 -3.90 17.41
CA ALA B 115 12.53 -4.81 18.24
C ALA B 115 13.35 -6.04 18.72
N ALA B 116 14.12 -6.63 17.81
CA ALA B 116 14.96 -7.79 18.20
C ALA B 116 15.97 -7.40 19.26
N LYS B 117 16.58 -6.22 19.10
CA LYS B 117 17.63 -5.82 20.02
C LYS B 117 17.06 -5.48 21.40
N LEU B 118 15.96 -4.74 21.43
CA LEU B 118 15.41 -4.22 22.70
C LEU B 118 14.45 -5.20 23.42
N GLY B 119 13.78 -6.05 22.67
CA GLY B 119 12.69 -6.88 23.23
C GLY B 119 11.38 -6.11 23.40
N PRO B 120 10.28 -6.83 23.72
CA PRO B 120 8.90 -6.32 23.70
C PRO B 120 8.48 -5.42 24.87
N ALA B 121 9.26 -5.46 25.96
CA ALA B 121 8.91 -4.65 27.15
C ALA B 121 9.49 -3.28 26.99
N VAL B 122 10.74 -3.24 26.54
CA VAL B 122 11.40 -1.94 26.35
C VAL B 122 10.86 -1.28 25.11
N PHE B 123 10.76 -2.05 24.03
CA PHE B 123 10.18 -1.57 22.79
C PHE B 123 8.69 -1.85 22.84
N SER B 124 7.99 -1.14 23.74
CA SER B 124 6.57 -1.36 24.00
C SER B 124 5.75 -0.85 22.84
N ALA B 125 4.44 -1.13 22.87
CA ALA B 125 3.52 -0.69 21.85
C ALA B 125 3.59 0.84 21.67
N ASP B 126 3.66 1.59 22.78
CA ASP B 126 3.71 3.05 22.67
C ASP B 126 5.03 3.56 22.11
N THR B 127 6.13 2.87 22.41
CA THR B 127 7.43 3.22 21.83
C THR B 127 7.41 2.96 20.33
N GLN B 128 6.88 1.81 19.95
CA GLN B 128 6.77 1.46 18.52
C GLN B 128 5.90 2.49 17.79
N GLU B 129 4.87 3.00 18.48
CA GLU B 129 3.96 3.99 17.88
C GLU B 129 4.71 5.28 17.55
N ALA B 130 5.55 5.75 18.47
CA ALA B 130 6.37 6.94 18.23
C ALA B 130 7.43 6.68 17.17
N PHE B 131 8.12 5.54 17.26
CA PHE B 131 9.12 5.18 16.28
C PHE B 131 8.52 5.09 14.86
N GLN B 132 7.31 4.53 14.75
CA GLN B 132 6.68 4.37 13.42
C GLN B 132 6.36 5.73 12.83
N LYS B 133 5.80 6.61 13.65
CA LYS B 133 5.46 7.98 13.21
CA LYS B 133 5.45 7.98 13.22
C LYS B 133 6.72 8.70 12.74
N PHE B 134 7.82 8.53 13.48
CA PHE B 134 9.14 9.08 13.13
C PHE B 134 9.58 8.51 11.77
N LEU B 135 9.48 7.19 11.63
CA LEU B 135 9.95 6.59 10.38
C LEU B 135 9.08 7.01 9.20
N ALA B 136 7.76 7.11 9.42
CA ALA B 136 6.88 7.53 8.33
C ALA B 136 7.22 8.96 7.87
N VAL B 137 7.56 9.85 8.82
CA VAL B 137 7.90 11.27 8.51
C VAL B 137 9.22 11.30 7.77
N VAL B 138 10.16 10.46 8.20
CA VAL B 138 11.44 10.34 7.50
C VAL B 138 11.25 9.84 6.09
N VAL B 139 10.47 8.76 5.93
CA VAL B 139 10.21 8.18 4.62
C VAL B 139 9.55 9.17 3.65
N SER B 140 8.57 9.91 4.14
CA SER B 140 7.92 10.93 3.33
C SER B 140 8.93 12.01 2.88
N ALA B 141 9.80 12.42 3.79
CA ALA B 141 10.78 13.48 3.45
C ALA B 141 11.73 12.99 2.39
N LEU B 142 12.17 11.74 2.51
CA LEU B 142 13.09 11.13 1.53
C LEU B 142 12.48 11.01 0.12
N GLY B 143 11.16 10.82 0.08
CA GLY B 143 10.40 10.66 -1.15
C GLY B 143 9.98 12.00 -1.74
N ARG B 144 10.13 13.09 -0.98
CA ARG B 144 9.44 14.36 -1.28
C ARG B 144 9.91 15.03 -2.58
N GLN B 145 11.17 14.84 -2.95
CA GLN B 145 11.70 15.58 -4.11
C GLN B 145 11.69 14.75 -5.40
N TYR B 146 11.00 13.60 -5.38
CA TYR B 146 10.84 12.80 -6.58
C TYR B 146 9.79 13.42 -7.48
N HIS B 147 10.17 13.71 -8.72
CA HIS B 147 9.23 14.24 -9.72
CA HIS B 147 9.21 14.21 -9.72
C HIS B 147 9.51 13.66 -11.11
C ACE C 1 -9.77 -13.03 -6.76
O ACE C 1 -9.56 -12.53 -7.87
CH3 ACE C 1 -9.51 -12.33 -5.43
N SER C 2 -10.03 -14.32 -6.67
CA SER C 2 -10.23 -15.14 -7.84
C SER C 2 -11.29 -14.55 -8.77
N LEU C 3 -11.08 -14.72 -10.07
CA LEU C 3 -12.07 -14.26 -11.03
C LEU C 3 -13.16 -15.31 -11.16
N SER C 4 -14.40 -14.84 -11.12
CA SER C 4 -15.56 -15.70 -11.31
C SER C 4 -15.70 -15.91 -12.80
N ALA C 5 -16.60 -16.80 -13.18
CA ALA C 5 -17.00 -16.91 -14.59
C ALA C 5 -17.46 -15.55 -15.16
N LYS C 6 -18.22 -14.78 -14.39
CA LYS C 6 -18.76 -13.51 -14.87
C LYS C 6 -17.69 -12.43 -14.98
N ASP C 7 -16.74 -12.43 -14.04
CA ASP C 7 -15.60 -11.51 -14.14
C ASP C 7 -14.88 -11.72 -15.46
N LYS C 8 -14.62 -12.98 -15.78
CA LYS C 8 -13.97 -13.37 -17.02
C LYS C 8 -14.78 -12.88 -18.25
N ALA C 9 -16.10 -13.12 -18.26
CA ALA C 9 -16.94 -12.61 -19.36
C ALA C 9 -16.90 -11.08 -19.48
N ASN C 10 -16.86 -10.41 -18.34
CA ASN C 10 -16.90 -8.94 -18.29
C ASN C 10 -15.65 -8.31 -18.83
N VAL C 11 -14.51 -8.90 -18.46
CA VAL C 11 -13.17 -8.51 -18.93
C VAL C 11 -13.08 -8.73 -20.45
N LYS C 12 -13.49 -9.91 -20.91
CA LYS C 12 -13.47 -10.21 -22.36
C LYS C 12 -14.27 -9.17 -23.12
N ALA C 13 -15.42 -8.79 -22.55
CA ALA C 13 -16.36 -7.88 -23.19
C ALA C 13 -15.79 -6.48 -23.31
N ILE C 14 -15.31 -5.92 -22.20
CA ILE C 14 -14.71 -4.58 -22.28
C ILE C 14 -13.43 -4.58 -23.13
N TRP C 15 -12.66 -5.66 -23.11
CA TRP C 15 -11.49 -5.72 -23.99
C TRP C 15 -11.81 -5.62 -25.49
N GLY C 16 -13.04 -5.98 -25.86
CA GLY C 16 -13.53 -5.79 -27.24
C GLY C 16 -13.57 -4.34 -27.66
N LYS C 17 -13.88 -3.45 -26.73
CA LYS C 17 -13.80 -2.00 -26.98
C LYS C 17 -12.38 -1.53 -26.99
N ILE C 18 -11.57 -2.07 -26.07
CA ILE C 18 -10.22 -1.60 -25.86
C ILE C 18 -9.32 -1.94 -27.04
N LEU C 19 -9.52 -3.10 -27.64
CA LEU C 19 -8.50 -3.62 -28.57
C LEU C 19 -8.21 -2.72 -29.78
N PRO C 20 -9.26 -2.14 -30.42
CA PRO C 20 -8.99 -1.20 -31.53
C PRO C 20 -8.16 0.05 -31.15
N LYS C 21 -8.09 0.37 -29.85
CA LYS C 21 -7.25 1.49 -29.34
C LYS C 21 -6.10 1.02 -28.43
N SER C 22 -5.76 -0.28 -28.50
CA SER C 22 -4.79 -0.90 -27.55
C SER C 22 -3.47 -0.12 -27.45
N ASP C 23 -2.87 0.23 -28.59
CA ASP C 23 -1.59 0.97 -28.59
C ASP C 23 -1.69 2.35 -27.91
N GLU C 24 -2.71 3.11 -28.29
CA GLU C 24 -2.94 4.41 -27.67
C GLU C 24 -3.22 4.31 -26.17
N ILE C 25 -4.05 3.34 -25.79
CA ILE C 25 -4.35 3.10 -24.38
C ILE C 25 -3.08 2.75 -23.59
N GLY C 26 -2.18 1.93 -24.16
CA GLY C 26 -0.94 1.58 -23.45
C GLY C 26 -0.08 2.80 -23.22
N GLU C 27 0.10 3.59 -24.26
CA GLU C 27 0.95 4.74 -24.11
CA GLU C 27 0.90 4.79 -24.17
C GLU C 27 0.37 5.75 -23.09
N GLN C 28 -0.95 5.96 -23.11
CA GLN C 28 -1.65 6.79 -22.13
C GLN C 28 -1.49 6.26 -20.70
N ALA C 29 -1.60 4.93 -20.51
CA ALA C 29 -1.51 4.36 -19.15
C ALA C 29 -0.08 4.48 -18.61
N LEU C 30 0.90 4.14 -19.43
CA LEU C 30 2.30 4.23 -19.04
C LEU C 30 2.65 5.69 -18.79
N SER C 31 2.21 6.59 -19.67
CA SER C 31 2.56 8.00 -19.55
C SER C 31 2.06 8.53 -18.20
N ARG C 32 0.86 8.14 -17.82
CA ARG C 32 0.28 8.61 -16.57
C ARG C 32 0.92 7.97 -15.34
N MET C 33 1.27 6.70 -15.40
CA MET C 33 2.07 6.14 -14.33
C MET C 33 3.34 6.97 -14.09
N LEU C 34 4.10 7.20 -15.16
CA LEU C 34 5.37 7.91 -15.07
C LEU C 34 5.22 9.34 -14.53
N VAL C 35 4.21 10.06 -15.04
CA VAL C 35 3.98 11.45 -14.66
C VAL C 35 3.26 11.65 -13.30
N VAL C 36 2.17 10.91 -13.12
CA VAL C 36 1.32 11.04 -11.92
C VAL C 36 1.97 10.34 -10.70
N TYR C 37 2.76 9.29 -10.96
CA TYR C 37 3.45 8.54 -9.92
C TYR C 37 4.94 8.48 -10.21
N PRO C 38 5.64 9.61 -10.07
CA PRO C 38 7.02 9.73 -10.54
C PRO C 38 8.01 8.82 -9.78
N GLN C 39 7.60 8.25 -8.63
CA GLN C 39 8.30 7.14 -7.98
C GLN C 39 8.69 6.06 -9.03
N THR C 40 7.80 5.79 -9.99
CA THR C 40 8.00 4.73 -10.97
C THR C 40 9.08 5.06 -12.03
N LYS C 41 9.41 6.33 -12.19
CA LYS C 41 10.47 6.75 -13.13
C LYS C 41 11.84 6.18 -12.79
N ALA C 42 12.01 5.81 -11.52
CA ALA C 42 13.25 5.17 -11.05
C ALA C 42 13.71 3.97 -11.90
N TYR C 43 12.78 3.32 -12.61
CA TYR C 43 13.12 2.13 -13.42
C TYR C 43 13.38 2.43 -14.91
N PHE C 44 13.20 3.67 -15.31
CA PHE C 44 13.18 3.97 -16.71
C PHE C 44 14.16 5.09 -17.05
N SER C 45 15.16 5.29 -16.19
CA SER C 45 16.14 6.35 -16.44
C SER C 45 17.06 6.04 -17.65
N HIS C 46 17.09 4.79 -18.12
CA HIS C 46 17.91 4.39 -19.26
C HIS C 46 17.27 4.74 -20.62
N TRP C 47 16.00 5.09 -20.59
CA TRP C 47 15.29 5.51 -21.80
C TRP C 47 15.67 6.94 -22.17
N ALA C 48 15.55 7.24 -23.47
CA ALA C 48 15.84 8.60 -24.00
C ALA C 48 14.85 9.62 -23.50
N SER C 49 13.67 9.14 -23.11
CA SER C 49 12.59 9.98 -22.64
C SER C 49 11.61 9.14 -21.81
N VAL C 50 11.02 9.79 -20.80
CA VAL C 50 9.84 9.31 -20.11
C VAL C 50 8.67 10.30 -20.32
N ALA C 51 8.76 11.14 -21.35
CA ALA C 51 7.68 12.14 -21.65
C ALA C 51 6.43 11.47 -22.21
N PRO C 52 5.22 11.92 -21.79
CA PRO C 52 4.03 11.32 -22.40
C PRO C 52 4.09 11.32 -23.94
N GLY C 53 3.74 10.21 -24.56
CA GLY C 53 3.70 10.18 -26.02
C GLY C 53 5.05 10.17 -26.73
N SER C 54 6.14 10.21 -25.96
CA SER C 54 7.48 10.01 -26.57
C SER C 54 7.68 8.62 -27.18
N ALA C 55 8.67 8.50 -28.06
CA ALA C 55 8.96 7.19 -28.70
C ALA C 55 9.17 6.01 -27.73
N PRO C 56 10.00 6.18 -26.68
CA PRO C 56 10.18 5.03 -25.78
C PRO C 56 8.88 4.65 -25.05
N VAL C 57 8.09 5.66 -24.69
CA VAL C 57 6.84 5.46 -23.96
C VAL C 57 5.78 4.82 -24.88
N LYS C 58 5.67 5.29 -26.13
CA LYS C 58 4.74 4.66 -27.09
C LYS C 58 5.10 3.20 -27.29
N LYS C 59 6.38 2.92 -27.49
CA LYS C 59 6.88 1.56 -27.74
C LYS C 59 6.61 0.64 -26.58
N HIS C 60 6.95 1.10 -25.38
CA HIS C 60 6.77 0.25 -24.24
C HIS C 60 5.32 0.14 -23.81
N GLY C 61 4.55 1.22 -24.02
CA GLY C 61 3.10 1.15 -23.87
C GLY C 61 2.49 -0.02 -24.62
N ILE C 62 2.93 -0.23 -25.87
CA ILE C 62 2.54 -1.40 -26.72
C ILE C 62 2.99 -2.72 -26.14
N THR C 63 4.23 -2.76 -25.71
CA THR C 63 4.73 -3.99 -25.07
C THR C 63 3.85 -4.40 -23.89
N ILE C 64 3.52 -3.44 -23.02
CA ILE C 64 2.66 -3.70 -21.87
C ILE C 64 1.27 -4.16 -22.27
N MET C 65 0.58 -3.34 -23.06
CA MET C 65 -0.78 -3.65 -23.48
C MET C 65 -0.83 -4.93 -24.29
N ASN C 66 0.13 -5.18 -25.18
CA ASN C 66 0.09 -6.45 -25.90
C ASN C 66 0.03 -7.64 -24.93
N GLN C 67 0.81 -7.54 -23.86
CA GLN C 67 0.88 -8.59 -22.85
C GLN C 67 -0.42 -8.69 -22.07
N ILE C 68 -0.99 -7.55 -21.65
CA ILE C 68 -2.25 -7.57 -20.95
C ILE C 68 -3.34 -8.12 -21.88
N ASP C 69 -3.32 -7.70 -23.15
CA ASP C 69 -4.23 -8.23 -24.16
C ASP C 69 -4.17 -9.75 -24.20
N ASP C 70 -2.96 -10.31 -24.16
CA ASP C 70 -2.81 -11.77 -24.18
CA ASP C 70 -2.73 -11.77 -24.17
C ASP C 70 -3.26 -12.43 -22.89
N CYS C 71 -3.05 -11.75 -21.75
CA CYS C 71 -3.52 -12.27 -20.45
C CYS C 71 -5.02 -12.55 -20.48
N VAL C 72 -5.77 -11.68 -21.16
CA VAL C 72 -7.21 -11.83 -21.30
C VAL C 72 -7.57 -13.20 -21.93
N GLY C 73 -6.69 -13.73 -22.79
CA GLY C 73 -6.87 -15.08 -23.34
C GLY C 73 -6.43 -16.19 -22.40
N HIS C 74 -5.95 -15.83 -21.21
CA HIS C 74 -5.39 -16.81 -20.28
C HIS C 74 -5.86 -16.65 -18.86
N MET C 75 -7.09 -16.18 -18.68
CA MET C 75 -7.64 -15.88 -17.35
C MET C 75 -7.85 -17.11 -16.46
N ASP C 76 -7.72 -18.30 -17.02
CA ASP C 76 -7.88 -19.54 -16.25
C ASP C 76 -6.58 -19.92 -15.55
N ASP C 77 -5.47 -19.49 -16.13
CA ASP C 77 -4.15 -19.78 -15.60
C ASP C 77 -3.25 -18.56 -15.75
N LEU C 78 -3.63 -17.47 -15.08
CA LEU C 78 -2.90 -16.22 -15.13
CA LEU C 78 -2.88 -16.22 -15.15
C LEU C 78 -1.50 -16.35 -14.55
N PHE C 79 -1.40 -17.05 -13.42
CA PHE C 79 -0.15 -17.23 -12.72
C PHE C 79 0.86 -17.97 -13.60
N GLY C 80 0.50 -19.17 -14.05
CA GLY C 80 1.34 -19.92 -14.96
C GLY C 80 1.73 -19.11 -16.19
N PHE C 81 0.69 -18.58 -16.90
CA PHE C 81 0.96 -17.72 -18.06
C PHE C 81 2.03 -16.65 -17.77
N LEU C 82 1.99 -16.10 -16.57
CA LEU C 82 2.87 -14.99 -16.23
C LEU C 82 4.18 -15.44 -15.55
N THR C 83 4.48 -16.77 -15.51
CA THR C 83 5.69 -17.34 -14.81
C THR C 83 7.02 -16.75 -15.34
N LYS C 84 7.21 -16.72 -16.66
CA LYS C 84 8.43 -16.13 -17.24
C LYS C 84 8.56 -14.64 -16.92
N LEU C 85 7.46 -13.91 -17.04
CA LEU C 85 7.48 -12.48 -16.91
C LEU C 85 7.65 -11.99 -15.46
N SER C 86 7.07 -12.73 -14.53
CA SER C 86 7.32 -12.53 -13.12
C SER C 86 8.81 -12.68 -12.78
N GLU C 87 9.43 -13.79 -13.19
CA GLU C 87 10.89 -13.98 -13.01
C GLU C 87 11.71 -12.87 -13.67
N LEU C 88 11.32 -12.45 -14.86
CA LEU C 88 12.03 -11.38 -15.55
C LEU C 88 11.99 -10.08 -14.71
N HIS C 89 10.80 -9.70 -14.25
CA HIS C 89 10.63 -8.47 -13.45
C HIS C 89 11.34 -8.61 -12.12
N ALA C 90 11.32 -9.79 -11.56
CA ALA C 90 11.98 -10.08 -10.29
C ALA C 90 13.52 -10.06 -10.37
N THR C 91 14.08 -10.82 -11.31
CA THR C 91 15.52 -11.08 -11.33
C THR C 91 16.33 -10.15 -12.22
N LYS C 92 15.86 -9.92 -13.45
CA LYS C 92 16.52 -9.02 -14.38
C LYS C 92 16.29 -7.56 -14.05
N LEU C 93 15.02 -7.20 -13.87
CA LEU C 93 14.62 -5.81 -13.80
C LEU C 93 14.64 -5.30 -12.37
N ARG C 94 14.46 -6.23 -11.43
CA ARG C 94 14.42 -5.93 -10.01
C ARG C 94 13.42 -4.82 -9.68
N VAL C 95 12.19 -5.04 -10.13
CA VAL C 95 11.12 -4.06 -9.96
C VAL C 95 10.37 -4.32 -8.64
N ASP C 96 10.27 -3.29 -7.79
CA ASP C 96 9.48 -3.49 -6.52
C ASP C 96 8.01 -3.79 -6.92
N PRO C 97 7.50 -4.98 -6.55
CA PRO C 97 6.17 -5.37 -7.02
C PRO C 97 5.03 -4.45 -6.56
N THR C 98 5.26 -3.57 -5.59
CA THR C 98 4.18 -2.64 -5.23
C THR C 98 3.81 -1.75 -6.40
N ASN C 99 4.68 -1.62 -7.40
CA ASN C 99 4.41 -0.74 -8.53
C ASN C 99 3.35 -1.29 -9.49
N PHE C 100 3.17 -2.62 -9.48
CA PHE C 100 2.24 -3.25 -10.41
C PHE C 100 0.82 -2.69 -10.23
N LYS C 101 0.41 -2.49 -8.97
CA LYS C 101 -0.94 -1.93 -8.74
C LYS C 101 -1.06 -0.48 -9.21
N ILE C 102 0.09 0.21 -9.25
CA ILE C 102 0.12 1.58 -9.76
C ILE C 102 -0.21 1.61 -11.26
N LEU C 103 0.41 0.73 -12.03
CA LEU C 103 0.09 0.62 -13.44
C LEU C 103 -1.38 0.25 -13.64
N ALA C 104 -1.92 -0.68 -12.83
CA ALA C 104 -3.35 -1.07 -12.88
C ALA C 104 -4.29 0.12 -12.77
N HIS C 105 -4.01 0.97 -11.79
CA HIS C 105 -4.86 2.10 -11.46
C HIS C 105 -4.89 3.02 -12.67
N ASN C 106 -3.71 3.35 -13.20
CA ASN C 106 -3.63 4.18 -14.38
C ASN C 106 -4.28 3.60 -15.60
N LEU C 107 -4.14 2.29 -15.85
CA LEU C 107 -4.90 1.70 -16.97
C LEU C 107 -6.43 1.88 -16.76
N ILE C 108 -6.88 1.61 -15.55
CA ILE C 108 -8.31 1.75 -15.19
C ILE C 108 -8.78 3.18 -15.48
N VAL C 109 -8.02 4.17 -15.01
CA VAL C 109 -8.31 5.58 -15.34
C VAL C 109 -8.44 5.79 -16.86
N VAL C 110 -7.49 5.24 -17.64
CA VAL C 110 -7.48 5.46 -19.09
C VAL C 110 -8.67 4.75 -19.76
N ILE C 111 -8.97 3.52 -19.33
CA ILE C 111 -10.11 2.81 -19.92
C ILE C 111 -11.39 3.62 -19.68
N ALA C 112 -11.52 4.13 -18.45
CA ALA C 112 -12.62 4.99 -18.08
C ALA C 112 -12.69 6.21 -19.00
N ALA C 113 -11.54 6.85 -19.24
CA ALA C 113 -11.46 8.07 -20.09
C ALA C 113 -11.84 7.80 -21.56
N TYR C 114 -11.51 6.62 -22.05
CA TYR C 114 -11.78 6.27 -23.45
C TYR C 114 -13.15 5.64 -23.69
N PHE C 115 -13.69 4.97 -22.67
CA PHE C 115 -14.96 4.23 -22.76
C PHE C 115 -15.89 4.47 -21.57
N PRO C 116 -16.24 5.75 -21.36
CA PRO C 116 -17.01 6.12 -20.19
C PRO C 116 -18.38 5.45 -20.15
N ALA C 117 -19.04 5.29 -21.30
CA ALA C 117 -20.38 4.71 -21.28
C ALA C 117 -20.32 3.24 -20.85
N GLU C 118 -19.31 2.54 -21.38
CA GLU C 118 -19.17 1.08 -21.21
C GLU C 118 -18.57 0.71 -19.86
N PHE C 119 -17.75 1.59 -19.31
CA PHE C 119 -16.96 1.29 -18.10
C PHE C 119 -17.77 1.54 -16.84
N THR C 120 -18.82 0.73 -16.70
CA THR C 120 -19.74 0.81 -15.57
C THR C 120 -19.04 0.31 -14.30
N PRO C 121 -19.56 0.66 -13.12
CA PRO C 121 -18.97 0.09 -11.89
C PRO C 121 -18.76 -1.44 -11.94
N GLU C 122 -19.72 -2.16 -12.53
CA GLU C 122 -19.64 -3.61 -12.59
C GLU C 122 -18.47 -4.07 -13.46
N ILE C 123 -18.36 -3.51 -14.65
CA ILE C 123 -17.18 -3.74 -15.48
C ILE C 123 -15.86 -3.32 -14.77
N HIS C 124 -15.84 -2.12 -14.20
CA HIS C 124 -14.69 -1.60 -13.40
C HIS C 124 -14.32 -2.65 -12.33
N LEU C 125 -15.32 -3.10 -11.55
CA LEU C 125 -15.08 -4.15 -10.55
C LEU C 125 -14.34 -5.35 -11.16
N SER C 126 -14.86 -5.87 -12.27
CA SER C 126 -14.27 -7.04 -12.90
C SER C 126 -12.85 -6.73 -13.42
N VAL C 127 -12.66 -5.57 -14.05
CA VAL C 127 -11.32 -5.19 -14.58
C VAL C 127 -10.32 -5.08 -13.43
N ASP C 128 -10.76 -4.47 -12.33
CA ASP C 128 -9.90 -4.29 -11.15
C ASP C 128 -9.50 -5.65 -10.56
N LYS C 129 -10.44 -6.58 -10.44
CA LYS C 129 -10.10 -7.92 -9.98
C LYS C 129 -9.10 -8.55 -10.91
N PHE C 130 -9.33 -8.38 -12.21
CA PHE C 130 -8.44 -8.92 -13.22
C PHE C 130 -7.02 -8.36 -13.09
N LEU C 131 -6.92 -7.03 -13.06
CA LEU C 131 -5.61 -6.41 -12.94
C LEU C 131 -4.89 -6.70 -11.60
N GLN C 132 -5.64 -6.79 -10.52
CA GLN C 132 -4.99 -7.21 -9.25
C GLN C 132 -4.46 -8.63 -9.31
N GLN C 133 -5.18 -9.54 -9.98
CA GLN C 133 -4.67 -10.90 -10.16
C GLN C 133 -3.44 -10.90 -11.06
N LEU C 134 -3.51 -10.13 -12.13
CA LEU C 134 -2.37 -9.94 -13.01
C LEU C 134 -1.13 -9.45 -12.21
N ALA C 135 -1.31 -8.41 -11.39
CA ALA C 135 -0.27 -7.93 -10.48
C ALA C 135 0.25 -9.03 -9.55
N LEU C 136 -0.64 -9.83 -8.95
CA LEU C 136 -0.23 -10.91 -8.05
C LEU C 136 0.57 -11.97 -8.82
N ALA C 137 0.16 -12.25 -10.05
CA ALA C 137 0.83 -13.26 -10.84
C ALA C 137 2.24 -12.79 -11.29
N LEU C 138 2.38 -11.49 -11.55
CA LEU C 138 3.69 -10.90 -11.85
C LEU C 138 4.61 -10.91 -10.64
N ALA C 139 4.01 -10.89 -9.46
CA ALA C 139 4.71 -10.98 -8.18
C ALA C 139 5.04 -12.39 -7.71
N GLU C 140 4.60 -13.42 -8.44
CA GLU C 140 4.66 -14.80 -7.88
C GLU C 140 6.07 -15.36 -7.76
N LYS C 141 6.95 -15.00 -8.69
CA LYS C 141 8.28 -15.61 -8.75
C LYS C 141 9.35 -14.75 -8.11
N TYR C 142 8.88 -13.80 -7.30
CA TYR C 142 9.72 -12.97 -6.48
C TYR C 142 10.03 -13.73 -5.20
N ARG C 143 11.29 -13.61 -4.77
CA ARG C 143 11.70 -14.14 -3.46
C ARG C 143 11.50 -15.65 -3.34
N VAL D 1 3.03 21.12 2.53
CA VAL D 1 2.91 20.74 1.08
C VAL D 1 3.43 21.86 0.16
N ASP D 2 4.22 21.47 -0.85
CA ASP D 2 4.80 22.44 -1.78
C ASP D 2 4.16 22.35 -3.18
N TRP D 3 3.14 23.17 -3.39
CA TRP D 3 2.48 23.24 -4.68
C TRP D 3 3.28 24.07 -5.69
N THR D 4 3.33 23.62 -6.94
CA THR D 4 3.82 24.48 -8.03
C THR D 4 2.66 25.33 -8.55
N ASP D 5 2.97 26.49 -9.13
CA ASP D 5 1.96 27.29 -9.83
C ASP D 5 1.13 26.47 -10.83
N ALA D 6 1.80 25.64 -11.65
CA ALA D 6 1.10 24.75 -12.57
C ALA D 6 0.09 23.81 -11.88
N GLU D 7 0.51 23.16 -10.79
CA GLU D 7 -0.40 22.30 -10.02
C GLU D 7 -1.58 23.10 -9.49
N ARG D 8 -1.29 24.27 -8.90
CA ARG D 8 -2.34 25.13 -8.34
CA ARG D 8 -2.34 25.12 -8.33
C ARG D 8 -3.38 25.45 -9.41
N SER D 9 -2.90 25.89 -10.56
CA SER D 9 -3.74 26.29 -11.68
C SER D 9 -4.56 25.13 -12.21
N ALA D 10 -3.92 23.96 -12.32
CA ALA D 10 -4.57 22.75 -12.79
C ALA D 10 -5.70 22.31 -11.89
N ILE D 11 -5.48 22.37 -10.57
CA ILE D 11 -6.49 21.91 -9.62
C ILE D 11 -7.68 22.85 -9.65
N VAL D 12 -7.38 24.15 -9.58
CA VAL D 12 -8.43 25.16 -9.63
C VAL D 12 -9.18 25.05 -10.97
N GLY D 13 -8.44 24.98 -12.06
CA GLY D 13 -9.04 24.86 -13.41
C GLY D 13 -9.95 23.65 -13.55
N LEU D 14 -9.45 22.51 -13.08
CA LEU D 14 -10.17 21.25 -13.15
C LEU D 14 -11.44 21.25 -12.30
N TRP D 15 -11.35 21.78 -11.08
CA TRP D 15 -12.47 21.77 -10.15
C TRP D 15 -13.58 22.62 -10.75
N GLY D 16 -13.15 23.69 -11.42
CA GLY D 16 -14.07 24.57 -12.14
C GLY D 16 -14.88 23.93 -13.26
N LYS D 17 -14.30 22.93 -13.93
CA LYS D 17 -14.99 22.38 -15.11
CA LYS D 17 -14.86 22.28 -15.12
C LYS D 17 -15.81 21.12 -14.82
N ILE D 18 -15.89 20.74 -13.55
CA ILE D 18 -16.75 19.62 -13.18
C ILE D 18 -17.93 20.06 -12.33
N SER D 19 -19.06 19.38 -12.52
CA SER D 19 -20.20 19.55 -11.62
C SER D 19 -20.12 18.54 -10.50
N VAL D 20 -19.95 19.06 -9.29
CA VAL D 20 -19.86 18.26 -8.09
C VAL D 20 -21.17 17.50 -7.83
N ASP D 21 -22.31 18.06 -8.24
CA ASP D 21 -23.62 17.43 -8.04
C ASP D 21 -23.84 16.15 -8.90
N GLU D 22 -23.03 15.99 -9.98
CA GLU D 22 -23.04 14.81 -10.86
C GLU D 22 -21.95 13.80 -10.48
N ILE D 23 -20.73 14.30 -10.32
CA ILE D 23 -19.57 13.43 -10.04
C ILE D 23 -19.65 12.76 -8.68
N GLY D 24 -20.17 13.49 -7.69
CA GLY D 24 -20.23 12.94 -6.32
C GLY D 24 -20.96 11.61 -6.22
N PRO D 25 -22.22 11.56 -6.67
CA PRO D 25 -22.99 10.31 -6.71
C PRO D 25 -22.39 9.18 -7.52
N GLN D 26 -21.80 9.51 -8.67
CA GLN D 26 -21.20 8.47 -9.50
C GLN D 26 -20.04 7.83 -8.74
N ALA D 27 -19.23 8.66 -8.09
CA ALA D 27 -18.07 8.19 -7.37
C ALA D 27 -18.39 7.31 -6.16
N LEU D 28 -19.43 7.66 -5.38
CA LEU D 28 -19.76 6.89 -4.20
C LEU D 28 -20.39 5.54 -4.59
N ALA D 29 -21.31 5.59 -5.56
CA ALA D 29 -21.92 4.37 -6.12
C ALA D 29 -20.81 3.44 -6.58
N ARG D 30 -19.84 3.98 -7.29
CA ARG D 30 -18.72 3.19 -7.79
C ARG D 30 -17.93 2.60 -6.61
N LEU D 31 -17.69 3.33 -5.61
CA LEU D 31 -16.99 2.88 -4.41
C LEU D 31 -17.68 1.66 -3.79
N LEU D 32 -19.09 1.77 -3.51
CA LEU D 32 -19.83 0.67 -2.90
C LEU D 32 -19.80 -0.58 -3.77
N ILE D 33 -19.55 -0.45 -4.99
CA ILE D 33 -19.58 -1.63 -5.84
C ILE D 33 -18.19 -2.25 -5.97
N VAL D 34 -17.21 -1.38 -6.21
CA VAL D 34 -15.83 -1.82 -6.45
C VAL D 34 -15.13 -2.16 -5.14
N SER D 35 -15.48 -1.43 -4.07
CA SER D 35 -14.99 -1.67 -2.71
C SER D 35 -16.16 -1.93 -1.73
N PRO D 36 -16.82 -3.11 -1.87
CA PRO D 36 -18.11 -3.31 -1.21
C PRO D 36 -18.09 -3.46 0.32
N TRP D 37 -16.92 -3.63 0.93
CA TRP D 37 -16.85 -3.51 2.40
C TRP D 37 -17.26 -2.12 2.89
N THR D 38 -17.24 -1.12 2.00
CA THR D 38 -17.68 0.23 2.38
C THR D 38 -19.19 0.32 2.60
N GLN D 39 -19.94 -0.69 2.12
CA GLN D 39 -21.40 -0.79 2.34
C GLN D 39 -21.72 -0.88 3.83
N ARG D 40 -20.71 -1.29 4.60
CA ARG D 40 -20.76 -1.36 6.07
CA ARG D 40 -20.92 -1.42 6.02
C ARG D 40 -21.36 -0.09 6.69
N HIS D 41 -21.12 1.03 6.03
CA HIS D 41 -21.49 2.35 6.59
C HIS D 41 -22.80 2.90 6.03
N PHE D 42 -23.35 2.25 5.00
CA PHE D 42 -24.55 2.79 4.32
C PHE D 42 -25.80 1.90 4.32
N SER D 43 -25.85 0.93 5.23
CA SER D 43 -27.02 0.04 5.35
C SER D 43 -28.34 0.74 5.74
N THR D 44 -28.26 1.92 6.36
CA THR D 44 -29.45 2.75 6.65
C THR D 44 -29.94 3.56 5.44
N PHE D 45 -29.13 3.61 4.38
CA PHE D 45 -29.37 4.46 3.19
C PHE D 45 -30.31 3.86 2.15
N GLY D 46 -30.94 2.73 2.49
CA GLY D 46 -32.01 2.18 1.66
C GLY D 46 -31.71 0.85 1.00
N ASN D 47 -31.87 0.81 -0.32
CA ASN D 47 -31.66 -0.41 -1.09
C ASN D 47 -30.26 -0.43 -1.73
N LEU D 48 -29.50 -1.49 -1.43
CA LEU D 48 -28.12 -1.66 -1.93
C LEU D 48 -27.79 -3.10 -2.33
N SER D 49 -28.84 -3.93 -2.51
CA SER D 49 -28.64 -5.37 -2.75
C SER D 49 -27.74 -5.68 -3.95
N THR D 50 -28.07 -5.10 -5.10
CA THR D 50 -27.31 -5.31 -6.33
C THR D 50 -26.68 -3.99 -6.80
N PRO D 51 -25.73 -4.05 -7.76
CA PRO D 51 -25.15 -2.82 -8.32
C PRO D 51 -26.20 -1.86 -8.90
N ALA D 52 -27.17 -2.41 -9.61
CA ALA D 52 -28.32 -1.66 -10.12
C ALA D 52 -28.96 -0.86 -8.98
N ALA D 53 -29.39 -1.53 -7.92
CA ALA D 53 -29.90 -0.86 -6.71
C ALA D 53 -29.09 0.38 -6.29
N ILE D 54 -27.77 0.24 -6.19
CA ILE D 54 -26.91 1.29 -5.66
C ILE D 54 -26.92 2.59 -6.51
N MET D 55 -26.77 2.43 -7.84
CA MET D 55 -26.54 3.59 -8.72
C MET D 55 -27.66 4.65 -8.85
N GLY D 56 -28.91 4.23 -8.70
CA GLY D 56 -30.05 5.15 -8.72
C GLY D 56 -30.51 5.52 -7.32
N ASN D 57 -29.79 5.05 -6.29
CA ASN D 57 -30.13 5.34 -4.89
C ASN D 57 -29.92 6.82 -4.57
N PRO D 58 -31.02 7.52 -4.27
CA PRO D 58 -30.95 8.96 -4.01
C PRO D 58 -30.33 9.33 -2.67
N ALA D 59 -30.27 8.39 -1.73
CA ALA D 59 -29.51 8.60 -0.50
C ALA D 59 -28.02 8.58 -0.80
N VAL D 60 -27.58 7.49 -1.45
CA VAL D 60 -26.19 7.38 -1.91
C VAL D 60 -25.86 8.61 -2.75
N ALA D 61 -26.81 9.02 -3.60
CA ALA D 61 -26.64 10.22 -4.40
C ALA D 61 -26.49 11.49 -3.55
N LYS D 62 -27.40 11.72 -2.59
CA LYS D 62 -27.35 12.96 -1.79
C LYS D 62 -26.07 13.05 -0.98
N HIS D 63 -25.64 11.96 -0.35
CA HIS D 63 -24.37 11.96 0.38
C HIS D 63 -23.14 12.04 -0.54
N GLY D 64 -23.28 11.53 -1.77
CA GLY D 64 -22.25 11.75 -2.81
C GLY D 64 -22.08 13.24 -3.12
N LYS D 65 -23.22 13.89 -3.38
CA LYS D 65 -23.08 15.37 -3.57
C LYS D 65 -22.52 15.95 -2.28
N THR D 66 -22.81 15.33 -0.98
CA THR D 66 -22.11 15.84 0.24
C THR D 66 -20.58 15.70 0.26
N VAL D 67 -20.05 14.57 -0.18
CA VAL D 67 -18.60 14.33 -0.13
C VAL D 67 -17.84 15.38 -0.95
N MET D 68 -18.31 15.63 -2.17
CA MET D 68 -17.59 16.49 -3.11
C MET D 68 -17.58 17.95 -2.65
N HIS D 69 -18.69 18.37 -2.08
CA HIS D 69 -18.77 19.71 -1.51
C HIS D 69 -17.82 19.78 -0.33
N GLY D 70 -17.58 18.64 0.30
CA GLY D 70 -16.54 18.52 1.33
C GLY D 70 -15.16 18.92 0.82
N LEU D 71 -14.89 18.62 -0.46
CA LEU D 71 -13.60 18.97 -1.07
CA LEU D 71 -13.60 18.96 -1.08
C LEU D 71 -13.53 20.43 -1.51
N ASP D 72 -14.69 21.07 -1.60
CA ASP D 72 -14.82 22.50 -1.92
C ASP D 72 -13.92 23.44 -1.11
N ARG D 73 -13.83 23.08 0.23
CA ARG D 73 -13.06 23.93 1.13
C ARG D 73 -11.57 23.66 0.99
N ALA D 74 -11.22 22.45 0.54
CA ALA D 74 -9.84 22.15 0.22
C ALA D 74 -9.34 22.97 -0.99
N VAL D 75 -10.16 23.08 -2.06
CA VAL D 75 -9.72 23.76 -3.27
C VAL D 75 -9.65 25.26 -2.94
N GLN D 76 -10.57 25.69 -2.10
CA GLN D 76 -10.62 27.04 -1.57
C GLN D 76 -9.31 27.43 -0.88
N ASN D 77 -8.64 26.50 -0.19
CA ASN D 77 -7.38 26.82 0.46
C ASN D 77 -6.40 25.67 0.47
N LEU D 78 -5.68 25.57 -0.65
CA LEU D 78 -4.74 24.50 -0.90
C LEU D 78 -3.59 24.51 0.10
N ASP D 79 -3.41 25.63 0.78
CA ASP D 79 -2.30 25.76 1.71
C ASP D 79 -2.63 25.44 3.18
N ASP D 80 -3.88 25.10 3.44
CA ASP D 80 -4.33 24.82 4.80
C ASP D 80 -5.23 23.58 4.89
N ILE D 81 -5.01 22.61 4.02
CA ILE D 81 -5.86 21.42 3.96
C ILE D 81 -5.83 20.62 5.29
N LYS D 82 -4.65 20.46 5.87
CA LYS D 82 -4.51 19.75 7.16
C LYS D 82 -5.50 20.26 8.24
N ASN D 83 -5.58 21.58 8.38
CA ASN D 83 -6.48 22.17 9.39
C ASN D 83 -7.95 22.19 9.00
N THR D 84 -8.23 22.12 7.71
CA THR D 84 -9.60 22.15 7.22
C THR D 84 -10.42 20.90 7.64
N TYR D 85 -9.76 19.74 7.71
CA TYR D 85 -10.45 18.47 7.94
C TYR D 85 -10.34 17.87 9.34
N VAL D 86 -9.84 18.65 10.31
CA VAL D 86 -9.72 18.18 11.68
C VAL D 86 -11.06 17.66 12.22
N THR D 87 -12.12 18.48 12.12
CA THR D 87 -13.45 18.08 12.59
C THR D 87 -13.96 16.80 11.89
N LEU D 88 -13.98 16.81 10.57
CA LEU D 88 -14.41 15.64 9.76
C LEU D 88 -13.58 14.39 10.06
N SER D 89 -12.28 14.57 10.24
CA SER D 89 -11.40 13.44 10.51
C SER D 89 -11.85 12.80 11.83
N VAL D 90 -12.04 13.59 12.89
CA VAL D 90 -12.46 12.96 14.14
C VAL D 90 -13.86 12.34 14.08
N MET D 91 -14.73 12.91 13.25
CA MET D 91 -16.06 12.36 13.08
C MET D 91 -16.02 10.99 12.42
N HIS D 92 -15.28 10.88 11.31
CA HIS D 92 -15.16 9.63 10.63
C HIS D 92 -14.50 8.58 11.47
N SER D 93 -13.63 8.99 12.38
CA SER D 93 -12.88 8.04 13.20
C SER D 93 -13.70 7.57 14.40
N GLU D 94 -14.21 8.53 15.15
CA GLU D 94 -14.77 8.25 16.47
CA GLU D 94 -14.77 8.26 16.48
C GLU D 94 -16.29 8.09 16.50
N LYS D 95 -16.97 8.69 15.53
CA LYS D 95 -18.42 8.56 15.46
C LYS D 95 -18.82 7.47 14.46
N LEU D 96 -18.22 7.53 13.28
CA LEU D 96 -18.61 6.70 12.17
C LEU D 96 -17.74 5.46 12.04
N PHE D 97 -16.55 5.48 12.62
CA PHE D 97 -15.63 4.33 12.54
C PHE D 97 -15.34 3.87 11.12
N VAL D 98 -15.02 4.84 10.27
CA VAL D 98 -14.61 4.54 8.90
C VAL D 98 -13.11 4.27 8.82
N ASP D 99 -12.74 3.10 8.31
CA ASP D 99 -11.34 2.74 8.04
C ASP D 99 -10.84 3.82 7.07
N PRO D 100 -9.85 4.65 7.48
CA PRO D 100 -9.42 5.72 6.57
C PRO D 100 -8.86 5.25 5.26
N ASP D 101 -8.53 3.96 5.13
CA ASP D 101 -8.13 3.44 3.81
C ASP D 101 -9.27 3.58 2.79
N ASN D 102 -10.51 3.58 3.26
CA ASN D 102 -11.63 3.87 2.34
C ASN D 102 -11.64 5.29 1.72
N PHE D 103 -10.95 6.23 2.36
CA PHE D 103 -10.75 7.56 1.76
C PHE D 103 -9.88 7.50 0.50
N ARG D 104 -8.80 6.73 0.57
CA ARG D 104 -7.98 6.52 -0.61
C ARG D 104 -8.82 5.93 -1.75
N LEU D 105 -9.57 4.88 -1.43
CA LEU D 105 -10.40 4.15 -2.40
C LEU D 105 -11.48 5.05 -3.00
N LEU D 106 -12.06 5.90 -2.16
CA LEU D 106 -13.04 6.88 -2.67
C LEU D 106 -12.38 7.88 -3.61
N ALA D 107 -11.22 8.41 -3.20
CA ALA D 107 -10.41 9.29 -4.08
C ALA D 107 -10.14 8.65 -5.43
N ASP D 108 -9.71 7.39 -5.43
CA ASP D 108 -9.48 6.69 -6.69
C ASP D 108 -10.74 6.62 -7.56
N CYS D 109 -11.89 6.38 -6.92
CA CYS D 109 -13.18 6.36 -7.64
C CYS D 109 -13.52 7.73 -8.22
N ILE D 110 -13.29 8.77 -7.44
CA ILE D 110 -13.44 10.13 -7.96
C ILE D 110 -12.58 10.36 -9.22
N THR D 111 -11.31 10.01 -9.14
CA THR D 111 -10.41 10.11 -10.30
C THR D 111 -11.01 9.41 -11.54
N VAL D 112 -11.49 8.18 -11.37
CA VAL D 112 -12.10 7.39 -12.45
C VAL D 112 -13.32 8.10 -13.05
N CYS D 113 -14.18 8.64 -12.18
CA CYS D 113 -15.34 9.41 -12.62
C CYS D 113 -15.00 10.71 -13.38
N VAL D 114 -14.02 11.46 -12.88
CA VAL D 114 -13.61 12.71 -13.51
C VAL D 114 -13.01 12.40 -14.88
N ALA D 115 -12.20 11.35 -14.96
CA ALA D 115 -11.56 10.94 -16.23
C ALA D 115 -12.59 10.56 -17.27
N ALA D 116 -13.58 9.78 -16.86
CA ALA D 116 -14.64 9.35 -17.76
C ALA D 116 -15.47 10.54 -18.21
N LYS D 117 -15.70 11.49 -17.29
CA LYS D 117 -16.47 12.71 -17.61
C LYS D 117 -15.75 13.63 -18.62
N LEU D 118 -14.50 13.93 -18.35
CA LEU D 118 -13.75 14.92 -19.13
C LEU D 118 -12.97 14.35 -20.32
N GLY D 119 -12.64 13.06 -20.26
CA GLY D 119 -11.83 12.44 -21.32
C GLY D 119 -10.32 12.64 -21.22
N PRO D 120 -9.55 11.92 -22.06
CA PRO D 120 -8.07 11.85 -21.92
C PRO D 120 -7.31 13.12 -22.28
N ALA D 121 -7.92 14.01 -23.06
CA ALA D 121 -7.26 15.22 -23.52
C ALA D 121 -7.33 16.32 -22.46
N VAL D 122 -8.55 16.62 -22.03
CA VAL D 122 -8.85 17.56 -20.95
C VAL D 122 -8.24 17.05 -19.61
N PHE D 123 -8.48 15.79 -19.28
CA PHE D 123 -7.91 15.21 -18.07
C PHE D 123 -6.60 14.54 -18.50
N SER D 124 -5.66 15.39 -18.87
CA SER D 124 -4.37 15.01 -19.33
C SER D 124 -3.52 14.49 -18.17
N ALA D 125 -2.34 13.99 -18.50
CA ALA D 125 -1.44 13.37 -17.52
C ALA D 125 -0.99 14.41 -16.49
N ASP D 126 -0.70 15.63 -16.95
CA ASP D 126 -0.29 16.71 -16.05
C ASP D 126 -1.44 17.15 -15.17
N THR D 127 -2.66 17.16 -15.72
CA THR D 127 -3.85 17.46 -14.90
C THR D 127 -4.07 16.40 -13.84
N GLN D 128 -3.94 15.14 -14.24
CA GLN D 128 -4.11 14.06 -13.30
C GLN D 128 -3.03 14.15 -12.23
N GLU D 129 -1.84 14.63 -12.61
CA GLU D 129 -0.72 14.69 -11.67
C GLU D 129 -1.06 15.63 -10.53
N ALA D 130 -1.52 16.81 -10.89
CA ALA D 130 -1.99 17.84 -9.94
C ALA D 130 -3.16 17.35 -9.09
N PHE D 131 -4.18 16.79 -9.75
CA PHE D 131 -5.35 16.24 -9.08
C PHE D 131 -5.03 15.12 -8.09
N GLN D 132 -4.16 14.18 -8.48
CA GLN D 132 -3.74 13.12 -7.56
C GLN D 132 -3.01 13.68 -6.33
N LYS D 133 -2.08 14.62 -6.55
CA LYS D 133 -1.40 15.28 -5.44
C LYS D 133 -2.42 15.91 -4.46
N PHE D 134 -3.41 16.59 -5.05
CA PHE D 134 -4.52 17.17 -4.30
C PHE D 134 -5.25 16.10 -3.50
N LEU D 135 -5.67 15.02 -4.16
CA LEU D 135 -6.40 13.97 -3.46
C LEU D 135 -5.58 13.35 -2.31
N ALA D 136 -4.31 13.07 -2.57
CA ALA D 136 -3.41 12.52 -1.55
C ALA D 136 -3.31 13.42 -0.30
N VAL D 137 -3.19 14.74 -0.50
CA VAL D 137 -3.17 15.69 0.63
C VAL D 137 -4.50 15.62 1.42
N VAL D 138 -5.62 15.62 0.70
CA VAL D 138 -6.93 15.51 1.35
C VAL D 138 -7.14 14.20 2.11
N VAL D 139 -6.69 13.08 1.50
CA VAL D 139 -6.80 11.79 2.16
C VAL D 139 -5.97 11.79 3.44
N SER D 140 -4.75 12.32 3.37
CA SER D 140 -3.87 12.42 4.53
C SER D 140 -4.54 13.25 5.62
N ALA D 141 -5.07 14.41 5.25
CA ALA D 141 -5.80 15.28 6.19
C ALA D 141 -6.98 14.57 6.87
N LEU D 142 -7.76 13.79 6.09
CA LEU D 142 -8.95 13.11 6.63
C LEU D 142 -8.58 12.00 7.59
N GLY D 143 -7.38 11.44 7.43
CA GLY D 143 -6.83 10.43 8.32
C GLY D 143 -6.02 10.95 9.51
N ARG D 144 -5.81 12.27 9.57
CA ARG D 144 -4.86 12.86 10.52
C ARG D 144 -5.26 12.69 12.00
N GLN D 145 -6.56 12.64 12.28
CA GLN D 145 -7.05 12.60 13.66
C GLN D 145 -7.45 11.21 14.18
N TYR D 146 -7.09 10.17 13.44
CA TYR D 146 -7.20 8.80 13.94
C TYR D 146 -6.08 8.51 14.95
N HIS D 147 -6.50 8.18 16.17
CA HIS D 147 -5.61 7.73 17.25
CA HIS D 147 -5.59 7.71 17.22
C HIS D 147 -6.18 6.47 17.90
CHA HEM E . -12.34 -12.31 13.64
CHB HEM E . -8.39 -14.54 12.07
CHC HEM E . -6.85 -10.26 10.32
CHD HEM E . -10.86 -7.99 11.79
C1A HEM E . -11.45 -13.32 13.38
C2A HEM E . -11.54 -14.73 13.74
C3A HEM E . -10.44 -15.35 13.30
C4A HEM E . -9.61 -14.34 12.65
CMA HEM E . -10.06 -16.84 13.43
CAA HEM E . -12.73 -15.38 14.48
CBA HEM E . -13.85 -15.61 13.46
CGA HEM E . -14.88 -16.57 14.03
O1A HEM E . -15.80 -16.05 14.71
O2A HEM E . -14.76 -17.82 13.81
C1B HEM E . -7.62 -13.56 11.48
C2B HEM E . -6.31 -13.76 10.95
C3B HEM E . -5.89 -12.59 10.45
C4B HEM E . -6.92 -11.60 10.67
CMB HEM E . -5.58 -15.13 10.94
CAB HEM E . -4.51 -12.34 9.77
CBB HEM E . -4.39 -11.42 8.79
C1C HEM E . -7.73 -9.23 10.64
C2C HEM E . -7.51 -7.78 10.48
C3C HEM E . -8.62 -7.15 10.91
C4C HEM E . -9.58 -8.18 11.32
CMC HEM E . -6.23 -7.11 9.94
CAC HEM E . -8.91 -5.64 10.96
CBC HEM E . -7.90 -4.77 11.13
C1D HEM E . -11.57 -8.96 12.47
C2D HEM E . -12.74 -8.66 13.28
C3D HEM E . -13.20 -9.98 13.85
C4D HEM E . -12.24 -10.97 13.36
CMD HEM E . -13.41 -7.29 13.49
CAD HEM E . -14.40 -10.13 14.79
CBD HEM E . -13.93 -10.04 16.24
CGD HEM E . -15.01 -9.49 17.17
O1D HEM E . -14.78 -9.48 18.39
O2D HEM E . -16.11 -9.04 16.72
NA HEM E . -10.24 -13.14 12.72
NB HEM E . -8.00 -12.23 11.30
NC HEM E . -8.99 -9.40 11.14
ND HEM E . -11.29 -10.33 12.52
FE HEM E . -9.69 -11.28 11.82
CHA HEM F . 23.72 6.93 -0.28
CHB HEM F . 20.85 7.95 3.52
CHC HEM F . 17.76 4.55 2.00
CHD HEM F . 20.59 3.48 -1.78
C1A HEM F . 23.23 7.44 0.90
C2A HEM F . 23.96 8.33 1.78
C3A HEM F . 23.18 8.63 2.82
C4A HEM F . 21.92 7.92 2.66
CMA HEM F . 23.57 9.55 4.02
CAA HEM F . 25.38 8.83 1.51
CBA HEM F . 25.28 10.01 0.58
CGA HEM F . 26.66 10.59 0.41
O1A HEM F . 27.66 9.83 0.34
O2A HEM F . 26.76 11.83 0.35
C1B HEM F . 19.75 7.12 3.45
C2B HEM F . 18.62 7.07 4.38
C3B HEM F . 17.77 6.14 3.95
C4B HEM F . 18.34 5.55 2.74
CMB HEM F . 18.48 7.99 5.63
CAB HEM F . 16.42 5.71 4.59
CBB HEM F . 16.35 5.16 5.81
C1C HEM F . 18.24 3.92 0.85
C2C HEM F . 17.66 2.78 0.16
C3C HEM F . 18.45 2.51 -0.90
C4C HEM F . 19.55 3.44 -0.88
CMC HEM F . 16.34 2.05 0.55
CAC HEM F . 18.32 1.44 -2.00
CBC HEM F . 17.88 0.18 -1.84
C1D HEM F . 21.72 4.27 -1.72
C2D HEM F . 22.84 4.19 -2.63
C3D HEM F . 23.79 5.28 -2.16
C4D HEM F . 23.17 5.90 -1.02
CMD HEM F . 23.02 3.23 -3.81
CAD HEM F . 25.16 5.61 -2.79
CBD HEM F . 26.17 4.71 -2.11
CGD HEM F . 27.44 4.69 -2.89
O1D HEM F . 27.77 5.72 -3.52
O2D HEM F . 28.09 3.62 -2.89
NA HEM F . 22.01 7.22 1.47
NB HEM F . 19.53 6.16 2.46
NC HEM F . 19.39 4.28 0.19
ND HEM F . 21.95 5.28 -0.79
FE HEM F . 20.67 5.83 0.72
C1 EDO G . 7.74 2.63 7.60
O1 EDO G . 6.55 1.84 7.52
C2 EDO G . 7.36 4.10 7.43
O2 EDO G . 6.99 4.29 6.05
C1 EDO H . 8.46 17.52 10.80
O1 EDO H . 9.80 17.08 11.02
C2 EDO H . 8.37 18.14 9.42
O2 EDO H . 8.88 17.21 8.46
CHA HEM I . 9.49 -4.77 -19.36
CHB HEM I . 4.89 -6.24 -18.97
CHC HEM I . 4.37 -3.58 -14.93
CHD HEM I . 9.04 -2.19 -15.21
C1A HEM I . 8.31 -5.42 -19.59
C2A HEM I . 8.03 -6.31 -20.67
C3A HEM I . 6.76 -6.71 -20.55
C4A HEM I . 6.19 -6.09 -19.39
CMA HEM I . 5.96 -7.69 -21.43
CAA HEM I . 9.08 -6.71 -21.74
CBA HEM I . 9.74 -7.96 -21.15
CGA HEM I . 10.86 -8.38 -22.08
O1A HEM I . 11.89 -7.67 -22.16
O2A HEM I . 10.73 -9.44 -22.72
C1B HEM I . 4.33 -5.63 -17.86
C2B HEM I . 2.98 -5.78 -17.43
C3B HEM I . 2.82 -5.05 -16.30
C4B HEM I . 4.09 -4.42 -16.00
CMB HEM I . 1.90 -6.64 -18.14
CAB HEM I . 1.49 -4.91 -15.54
CBB HEM I . 1.42 -4.87 -14.20
C1C HEM I . 5.57 -2.91 -14.70
C2C HEM I . 5.79 -1.89 -13.71
C3C HEM I . 7.06 -1.46 -13.77
C4C HEM I . 7.72 -2.25 -14.81
CMC HEM I . 4.67 -1.35 -12.80
CAC HEM I . 7.78 -0.38 -12.93
CBC HEM I . 7.14 0.66 -12.33
C1D HEM I . 9.55 -2.70 -16.38
C2D HEM I . 10.84 -2.34 -16.94
C3D HEM I . 10.97 -3.13 -18.23
C4D HEM I . 9.76 -3.90 -18.33
CMD HEM I . 11.86 -1.35 -16.39
CAD HEM I . 12.15 -3.07 -19.21
CBD HEM I . 11.80 -2.01 -20.27
CGD HEM I . 13.08 -1.57 -20.97
O1D HEM I . 13.00 -0.97 -22.05
O2D HEM I . 14.18 -1.80 -20.46
NA HEM I . 7.14 -5.29 -18.84
NB HEM I . 5.01 -4.82 -16.96
NC HEM I . 6.79 -3.11 -15.32
ND HEM I . 8.93 -3.63 -17.24
FE HEM I . 7.02 -4.31 -17.03
C1 EDO J . 9.65 -1.54 -25.46
O1 EDO J . 9.27 -2.74 -24.81
C2 EDO J . 11.02 -1.09 -24.97
O2 EDO J . 10.93 -0.67 -23.60
C1 EDO K . -0.35 11.48 -24.07
O1 EDO K . -0.06 10.13 -23.57
C2 EDO K . 0.39 11.81 -25.36
O2 EDO K . 0.06 10.82 -26.36
CHA HEM L . -20.44 12.00 6.50
CHB HEM L . -16.91 14.03 3.85
CHC HEM L . -15.36 9.62 2.90
CHD HEM L . -18.86 7.47 5.45
C1A HEM L . -19.64 12.89 5.83
C2A HEM L . -19.86 14.32 5.81
C3A HEM L . -18.90 14.89 5.08
C4A HEM L . -18.02 13.84 4.62
CMA HEM L . -18.70 16.39 4.75
CAA HEM L . -21.04 15.02 6.53
CBA HEM L . -20.51 15.71 7.78
CGA HEM L . -21.53 16.55 8.53
O1A HEM L . -22.65 16.04 8.79
O2A HEM L . -21.19 17.72 8.88
C1B HEM L . -16.17 13.00 3.37
C2B HEM L . -15.02 13.12 2.52
C3B HEM L . -14.60 11.88 2.25
C4B HEM L . -15.48 10.97 2.93
CMB HEM L . -14.42 14.45 2.01
CAB HEM L . -13.38 11.47 1.36
CBB HEM L . -13.06 12.14 0.25
C1C HEM L . -16.17 8.68 3.49
C2C HEM L . -15.96 7.27 3.34
C3C HEM L . -16.94 6.64 4.02
C4C HEM L . -17.76 7.67 4.64
CMC HEM L . -14.84 6.66 2.48
CAC HEM L . -17.16 5.14 4.18
CBC HEM L . -16.96 4.24 3.21
C1D HEM L . -19.66 8.50 5.93
C2D HEM L . -20.91 8.33 6.64
C3D HEM L . -21.39 9.73 6.96
C4D HEM L . -20.40 10.64 6.42
CMD HEM L . -21.61 7.01 7.00
CAD HEM L . -22.69 10.08 7.69
CBD HEM L . -23.76 10.11 6.61
CGD HEM L . -25.03 10.61 7.23
O1D HEM L . -25.95 9.73 7.39
O2D HEM L . -25.11 11.83 7.54
NA HEM L . -18.49 12.64 5.10
NB HEM L . -16.46 11.68 3.62
NC HEM L . -17.25 8.89 4.29
ND HEM L . -19.39 9.88 5.83
FE HEM L . -17.96 10.79 4.89
C1 EDO M . -5.80 8.73 -3.87
O1 EDO M . -4.86 7.74 -4.39
C2 EDO M . -5.08 9.54 -2.80
O2 EDO M . -4.98 8.70 -1.64
#